data_5E5W
#
_entry.id   5E5W
#
_cell.length_a   164.335
_cell.length_b   164.335
_cell.length_c   164.335
_cell.angle_alpha   90.00
_cell.angle_beta   90.00
_cell.angle_gamma   90.00
#
_symmetry.space_group_name_H-M   'P 21 3'
#
loop_
_entity.id
_entity.type
_entity.pdbx_description
1 polymer Hemagglutinin-esterase
2 polymer Hemagglutinin-esterase
3 branched alpha-D-mannopyranose-(1-3)-[alpha-D-mannopyranose-(1-6)]alpha-D-mannopyranose-(1-6)-beta-D-mannopyranose-(1-4)-2-acetamido-2-deoxy-beta-D-glucopyranose-(1-4)-2-acetamido-2-deoxy-beta-D-glucopyranose
4 branched 2-acetamido-2-deoxy-beta-D-glucopyranose-(1-4)-2-acetamido-2-deoxy-beta-D-glucopyranose
5 branched beta-D-mannopyranose-(1-4)-2-acetamido-2-deoxy-beta-D-glucopyranose-(1-4)-2-acetamido-2-deoxy-beta-D-glucopyranose
6 non-polymer 2-acetamido-2-deoxy-beta-D-glucopyranose
7 water water
#
loop_
_entity_poly.entity_id
_entity_poly.type
_entity_poly.pdbx_seq_one_letter_code
_entity_poly.pdbx_strand_id
1 'polypeptide(L)'
;ELICIVQRVNESFSLHSGFGGNVYSMKTEPMTGFTNVTKGASVINQKDWIGFGDARTDLTNDQFPASSDVPLAVAKKFRS
LSGASLMLSAFGPPGKVDYLYQGCGKEKVFYEGVNWSPEAGIDCFGSNWTQTKKDFYSRIYEAARSSTCMTLVNSLDTKI
SSTTATAGTASSCSSSWMKSPLWYAESSVNPGAKPQVCGTEQSATFTLPTSFGIYKCNKHVVQLCYFVYENKAKFNTFGC
GDYYQNYYDGNGNLIGGMDNRVAAYRGIANAGVKIECPSKILNPGTYSIKSTPRFLLVPKRSYCFDTDGGYPIQVVQSEW
SASRRSDNATEEACLQTEGCIFIKKTTPYVGEAADNAGDIEMRQLLSGLGNNDTVCVSQSGYTKGETPFVKDYLSPPKYG
RCQLKTDSGRIPTLPSGLIIPQAGTDS
;
A,C
2 'polypeptide(L)'
;IFGIDDLIFGLLFVGFVAGGVAGGYFWGRSNGGGGGASVSSTQAGFDKIGKDIQQLRNDTNAAIEGFNGRIAHDEQAIKN
LAKEIEDARAEALVGELGIIRSLIVANISMNLKESLYELANQITKRGGGIAQEAGPGCWYVDSENCDASCKEYIFNF
;
B,D
#
# COMPACT_ATOMS: atom_id res chain seq x y z
N GLU A 1 8.74 2.00 -68.36
CA GLU A 1 8.59 1.18 -67.16
C GLU A 1 8.33 2.04 -65.93
N LEU A 2 7.17 1.82 -65.31
CA LEU A 2 6.73 2.48 -64.08
C LEU A 2 7.38 1.86 -62.83
N ILE A 3 8.28 2.61 -62.20
CA ILE A 3 8.91 2.14 -60.97
C ILE A 3 8.52 2.99 -59.75
N CYS A 4 8.08 2.31 -58.69
CA CYS A 4 7.52 3.00 -57.52
C CYS A 4 8.04 2.52 -56.18
N ILE A 5 8.21 3.46 -55.26
CA ILE A 5 8.22 3.12 -53.84
C ILE A 5 6.81 2.70 -53.48
N VAL A 6 6.67 1.54 -52.85
CA VAL A 6 5.33 1.09 -52.44
C VAL A 6 5.24 1.02 -50.91
N GLN A 7 4.17 1.59 -50.38
CA GLN A 7 3.90 1.58 -48.95
C GLN A 7 2.85 0.54 -48.62
N ARG A 8 3.10 -0.31 -47.62
CA ARG A 8 2.10 -1.28 -47.20
C ARG A 8 2.14 -1.57 -45.71
N VAL A 9 1.00 -1.95 -45.15
CA VAL A 9 0.91 -2.28 -43.73
C VAL A 9 0.36 -3.69 -43.52
N ASN A 10 0.69 -4.28 -42.37
CA ASN A 10 0.24 -5.62 -41.98
C ASN A 10 -1.04 -5.60 -41.16
N GLU A 11 -1.46 -6.76 -40.69
CA GLU A 11 -2.53 -6.83 -39.70
C GLU A 11 -1.97 -6.37 -38.36
N SER A 12 -0.64 -6.37 -38.27
CA SER A 12 0.08 -5.95 -37.08
C SER A 12 0.13 -4.42 -36.93
N PHE A 13 -0.08 -3.72 -38.04
CA PHE A 13 -0.12 -2.26 -38.01
C PHE A 13 -1.49 -1.78 -37.58
N SER A 14 -1.52 -0.71 -36.78
CA SER A 14 -2.76 -0.04 -36.41
C SER A 14 -2.72 1.43 -36.81
N LEU A 15 -3.88 2.01 -37.05
CA LEU A 15 -3.96 3.37 -37.56
C LEU A 15 -4.18 4.42 -36.46
N HIS A 16 -3.26 5.37 -36.37
CA HIS A 16 -3.35 6.45 -35.39
C HIS A 16 -3.67 7.75 -36.09
N SER A 17 -4.73 8.42 -35.65
CA SER A 17 -5.19 9.61 -36.34
C SER A 17 -4.52 10.87 -35.82
N GLY A 18 -4.41 11.87 -36.69
CA GLY A 18 -3.86 13.16 -36.33
C GLY A 18 -4.67 14.27 -36.99
N PHE A 19 -4.55 15.47 -36.45
CA PHE A 19 -5.11 16.66 -37.08
C PHE A 19 -4.20 17.14 -38.21
N GLY A 20 -4.42 16.62 -39.41
CA GLY A 20 -3.56 16.95 -40.54
C GLY A 20 -2.56 15.85 -40.87
N GLY A 21 -3.00 14.60 -40.74
CA GLY A 21 -2.14 13.47 -41.05
C GLY A 21 -2.27 12.32 -40.08
N ASN A 22 -2.41 11.11 -40.62
CA ASN A 22 -2.48 9.91 -39.80
C ASN A 22 -1.18 9.11 -39.90
N VAL A 23 -1.03 8.15 -39.00
CA VAL A 23 0.16 7.31 -38.95
C VAL A 23 -0.18 5.86 -38.69
N TYR A 24 0.34 4.97 -39.53
CA TYR A 24 0.32 3.54 -39.27
C TYR A 24 1.59 3.15 -38.50
N SER A 25 1.41 2.34 -37.46
CA SER A 25 2.54 1.75 -36.74
C SER A 25 2.13 0.43 -36.11
N MET A 26 3.11 -0.33 -35.65
CA MET A 26 2.86 -1.63 -35.03
C MET A 26 2.93 -1.53 -33.51
N LYS A 27 3.76 -0.60 -33.03
CA LYS A 27 3.95 -0.40 -31.60
C LYS A 27 3.46 0.98 -31.17
N THR A 28 3.01 1.07 -29.91
CA THR A 28 2.71 2.35 -29.30
C THR A 28 3.54 2.49 -28.03
N GLU A 29 3.78 3.73 -27.62
CA GLU A 29 4.41 4.02 -26.34
C GLU A 29 3.62 5.14 -25.67
N PRO A 30 3.38 5.03 -24.36
CA PRO A 30 2.58 6.05 -23.69
C PRO A 30 3.28 7.40 -23.64
N MET A 31 2.48 8.46 -23.81
CA MET A 31 3.02 9.82 -23.87
C MET A 31 3.64 10.28 -22.56
N THR A 32 3.06 9.82 -21.45
CA THR A 32 3.55 10.19 -20.13
C THR A 32 3.03 9.17 -19.11
N GLY A 33 3.39 9.35 -17.85
CA GLY A 33 3.02 8.38 -16.82
C GLY A 33 2.88 9.01 -15.45
N PHE A 34 2.86 8.19 -14.41
CA PHE A 34 2.64 8.69 -13.05
C PHE A 34 3.92 9.11 -12.36
N THR A 35 3.79 10.05 -11.45
CA THR A 35 4.88 10.48 -10.58
C THR A 35 4.80 9.71 -9.28
N ASN A 36 5.93 9.16 -8.83
CA ASN A 36 6.01 8.46 -7.56
C ASN A 36 5.59 9.34 -6.40
N VAL A 37 5.07 8.71 -5.35
CA VAL A 37 4.71 9.42 -4.13
C VAL A 37 5.46 8.86 -2.91
N THR A 38 6.21 9.73 -2.25
CA THR A 38 6.99 9.34 -1.07
C THR A 38 6.28 9.71 0.23
N LYS A 39 6.13 8.73 1.14
CA LYS A 39 5.52 9.00 2.44
C LYS A 39 6.42 9.85 3.32
N GLY A 40 5.80 10.59 4.22
CA GLY A 40 6.56 11.40 5.16
C GLY A 40 6.38 12.89 4.94
N ALA A 41 7.25 13.67 5.57
CA ALA A 41 7.16 15.12 5.55
C ALA A 41 8.16 15.73 4.57
N SER A 42 7.81 16.88 4.02
CA SER A 42 8.71 17.58 3.12
C SER A 42 8.22 19.03 3.01
N VAL A 43 8.89 19.83 2.19
CA VAL A 43 8.49 21.20 1.96
C VAL A 43 8.65 21.53 0.48
N ILE A 44 7.86 22.48 -0.01
CA ILE A 44 7.97 22.90 -1.40
C ILE A 44 8.89 24.10 -1.56
N ASN A 45 9.18 24.77 -0.44
CA ASN A 45 10.01 25.97 -0.44
C ASN A 45 10.97 26.00 0.75
N GLN A 46 12.23 25.62 0.50
CA GLN A 46 13.24 25.48 1.55
C GLN A 46 13.59 26.79 2.25
N LYS A 47 13.24 27.93 1.65
CA LYS A 47 13.56 29.22 2.26
C LYS A 47 12.41 29.79 3.10
N ASP A 48 11.26 29.13 3.12
CA ASP A 48 10.16 29.60 3.94
C ASP A 48 9.45 28.49 4.72
N TRP A 49 10.17 27.89 5.67
CA TRP A 49 9.53 26.93 6.56
C TRP A 49 10.19 26.88 7.91
N ILE A 50 9.43 26.42 8.88
CA ILE A 50 9.87 26.45 10.27
C ILE A 50 9.48 25.14 10.97
N GLY A 51 10.35 24.65 11.85
CA GLY A 51 10.05 23.47 12.63
C GLY A 51 9.99 23.78 14.10
N PHE A 52 9.15 23.05 14.83
CA PHE A 52 9.07 23.15 16.27
C PHE A 52 9.15 21.74 16.86
N GLY A 53 10.12 21.49 17.75
CA GLY A 53 10.36 20.14 18.24
C GLY A 53 10.95 19.99 19.62
N ASP A 54 11.55 18.82 19.85
CA ASP A 54 12.14 18.47 21.13
C ASP A 54 13.55 17.93 20.92
N ALA A 55 13.95 16.93 21.72
CA ALA A 55 15.31 16.36 21.61
C ALA A 55 15.59 15.77 20.22
N ARG A 56 14.57 15.19 19.62
CA ARG A 56 14.70 14.48 18.35
C ARG A 56 15.00 15.40 17.15
N THR A 57 14.94 16.72 17.37
CA THR A 57 15.39 17.69 16.37
C THR A 57 16.31 18.74 17.00
N ASP A 58 16.92 18.39 18.14
CA ASP A 58 17.74 19.34 18.91
C ASP A 58 19.22 19.11 18.64
N LEU A 59 19.82 19.94 17.79
CA LEU A 59 21.24 19.77 17.44
C LEU A 59 22.18 20.00 18.62
N THR A 60 21.68 20.62 19.70
CA THR A 60 22.50 20.84 20.89
C THR A 60 22.50 19.68 21.89
N ASN A 61 21.74 18.62 21.59
CA ASN A 61 21.70 17.45 22.46
C ASN A 61 23.08 16.80 22.54
N ASP A 62 23.46 16.31 23.72
CA ASP A 62 24.78 15.73 23.92
C ASP A 62 25.05 14.51 23.04
N GLN A 63 23.98 13.85 22.61
CA GLN A 63 24.10 12.63 21.81
C GLN A 63 23.95 12.85 20.30
N PHE A 64 23.84 14.11 19.87
CA PHE A 64 23.69 14.43 18.45
C PHE A 64 24.89 13.94 17.64
N PRO A 65 24.65 13.37 16.43
CA PRO A 65 23.37 13.17 15.72
C PRO A 65 22.62 11.87 16.05
N ALA A 66 23.12 11.04 16.96
CA ALA A 66 22.47 9.76 17.21
C ALA A 66 21.09 9.94 17.87
N SER A 67 20.89 11.08 18.55
CA SER A 67 19.63 11.35 19.21
C SER A 67 18.61 12.06 18.31
N SER A 68 18.97 12.26 17.04
CA SER A 68 18.23 13.11 16.13
C SER A 68 17.53 12.34 15.01
N ASP A 69 16.34 12.78 14.64
CA ASP A 69 15.62 12.13 13.55
C ASP A 69 15.79 12.90 12.24
N VAL A 70 16.56 13.98 12.29
CA VAL A 70 16.88 14.78 11.11
C VAL A 70 18.38 15.10 11.08
N PRO A 71 18.96 15.24 9.89
CA PRO A 71 20.37 15.64 9.79
C PRO A 71 20.59 17.08 10.25
N LEU A 72 21.84 17.54 10.22
CA LEU A 72 22.21 18.84 10.77
C LEU A 72 21.51 20.02 10.08
N ALA A 73 21.44 19.96 8.75
CA ALA A 73 20.90 21.07 7.96
C ALA A 73 19.42 21.29 8.22
N VAL A 74 18.70 20.20 8.41
CA VAL A 74 17.29 20.25 8.74
C VAL A 74 17.08 20.70 10.20
N ALA A 75 17.92 20.22 11.10
CA ALA A 75 17.80 20.58 12.51
C ALA A 75 17.94 22.09 12.73
N LYS A 76 18.75 22.73 11.90
CA LYS A 76 18.97 24.18 12.01
C LYS A 76 17.69 24.97 11.74
N LYS A 77 16.76 24.37 11.00
CA LYS A 77 15.49 25.02 10.65
C LYS A 77 14.44 24.81 11.73
N PHE A 78 14.76 23.97 12.71
CA PHE A 78 13.86 23.70 13.84
C PHE A 78 14.16 24.60 15.03
N ARG A 79 13.11 24.96 15.75
CA ARG A 79 13.26 25.56 17.06
C ARG A 79 12.91 24.46 18.06
N SER A 80 13.94 23.94 18.72
CA SER A 80 13.79 22.73 19.53
C SER A 80 14.65 22.79 20.78
N LEU A 81 14.20 22.10 21.83
CA LEU A 81 14.98 21.89 23.04
C LEU A 81 14.60 20.54 23.61
N SER A 82 15.61 19.78 24.03
CA SER A 82 15.39 18.49 24.66
C SER A 82 14.45 18.62 25.85
N GLY A 83 13.48 17.72 25.94
CA GLY A 83 12.49 17.73 27.01
C GLY A 83 11.31 18.68 26.81
N ALA A 84 11.33 19.48 25.74
CA ALA A 84 10.28 20.48 25.54
C ALA A 84 9.05 19.98 24.80
N SER A 85 7.94 20.68 25.00
CA SER A 85 6.74 20.52 24.17
C SER A 85 5.92 21.81 24.20
N LEU A 86 5.11 22.04 23.16
CA LEU A 86 4.26 23.24 23.12
C LEU A 86 3.40 23.31 24.36
N MET A 87 2.75 22.20 24.68
CA MET A 87 1.88 22.10 25.84
C MET A 87 2.63 22.38 27.15
N LEU A 88 3.85 21.85 27.28
CA LEU A 88 4.63 22.08 28.49
C LEU A 88 4.89 23.58 28.70
N SER A 89 5.13 24.31 27.60
CA SER A 89 5.34 25.75 27.69
C SER A 89 4.03 26.51 27.88
N ALA A 90 2.90 25.88 27.52
CA ALA A 90 1.61 26.55 27.69
C ALA A 90 1.30 26.70 29.17
N PHE A 91 1.56 25.66 29.94
CA PHE A 91 1.18 25.62 31.35
C PHE A 91 2.35 25.84 32.30
N GLY A 92 3.55 25.43 31.87
CA GLY A 92 4.74 25.47 32.72
C GLY A 92 4.61 24.67 34.00
N PRO A 93 4.46 23.35 33.88
CA PRO A 93 4.35 22.58 35.12
C PRO A 93 5.72 22.53 35.83
N PRO A 94 5.71 22.43 37.15
CA PRO A 94 6.91 22.47 38.01
C PRO A 94 7.97 21.49 37.57
N GLY A 95 9.21 21.96 37.46
CA GLY A 95 10.33 21.09 37.13
C GLY A 95 10.40 20.61 35.70
N LYS A 96 9.52 21.10 34.83
CA LYS A 96 9.58 20.71 33.41
C LYS A 96 10.35 21.75 32.57
N VAL A 97 10.94 21.32 31.47
CA VAL A 97 11.65 22.29 30.65
C VAL A 97 10.62 23.21 29.97
N ASP A 98 10.97 24.50 29.93
CA ASP A 98 10.07 25.58 29.59
C ASP A 98 10.66 26.38 28.42
N TYR A 99 10.59 25.81 27.22
CA TYR A 99 11.19 26.43 26.04
C TYR A 99 10.27 27.49 25.43
N LEU A 100 10.86 28.60 25.00
CA LEU A 100 10.09 29.66 24.34
C LEU A 100 10.04 29.41 22.84
N TYR A 101 9.07 28.61 22.42
CA TYR A 101 8.90 28.31 21.00
C TYR A 101 8.51 29.57 20.26
N GLN A 102 9.28 29.94 19.23
CA GLN A 102 8.95 31.09 18.41
C GLN A 102 9.61 30.96 17.06
N GLY A 103 8.88 31.37 16.01
CA GLY A 103 9.42 31.26 14.67
C GLY A 103 8.45 31.71 13.60
N CYS A 104 8.94 31.76 12.37
CA CYS A 104 8.17 32.16 11.20
C CYS A 104 8.45 31.21 10.05
N GLY A 105 7.40 30.86 9.30
CA GLY A 105 7.55 30.00 8.13
C GLY A 105 6.18 29.66 7.56
N LYS A 106 6.01 29.84 6.26
CA LYS A 106 4.72 29.56 5.66
C LYS A 106 4.39 28.06 5.78
N GLU A 107 5.40 27.22 5.55
CA GLU A 107 5.28 25.80 5.83
C GLU A 107 5.74 25.53 7.26
N LYS A 108 4.99 24.72 7.99
CA LYS A 108 5.26 24.52 9.41
C LYS A 108 5.32 23.03 9.76
N VAL A 109 6.34 22.62 10.51
CA VAL A 109 6.44 21.22 10.92
C VAL A 109 6.42 21.12 12.46
N PHE A 110 5.39 20.45 12.98
CA PHE A 110 5.25 20.27 14.42
C PHE A 110 5.65 18.84 14.77
N TYR A 111 6.75 18.69 15.49
CA TYR A 111 7.23 17.37 15.88
C TYR A 111 7.59 17.40 17.36
N GLU A 112 6.58 17.56 18.19
CA GLU A 112 6.77 17.55 19.64
C GLU A 112 5.44 17.17 20.27
N GLY A 113 5.38 17.12 21.59
CA GLY A 113 4.16 16.75 22.28
C GLY A 113 4.35 15.59 23.24
N VAL A 114 5.24 14.66 22.85
CA VAL A 114 5.52 13.45 23.64
C VAL A 114 6.05 13.74 25.06
N ASN A 115 6.67 14.91 25.27
CA ASN A 115 7.26 15.20 26.58
C ASN A 115 6.19 15.58 27.62
N TRP A 116 4.94 15.75 27.17
CA TRP A 116 3.81 15.68 28.10
C TRP A 116 2.83 14.61 27.64
N SER A 117 2.99 13.43 28.18
CA SER A 117 2.15 12.28 27.89
C SER A 117 1.79 11.70 29.25
N PRO A 118 0.92 10.67 29.28
CA PRO A 118 0.60 10.09 30.59
C PRO A 118 1.82 9.62 31.36
N GLU A 119 2.87 9.22 30.64
CA GLU A 119 4.14 8.80 31.25
C GLU A 119 4.72 9.85 32.20
N ALA A 120 4.52 11.11 31.90
CA ALA A 120 5.14 12.18 32.67
C ALA A 120 4.52 12.31 34.07
N GLY A 121 3.36 11.69 34.25
CA GLY A 121 2.67 11.69 35.54
C GLY A 121 2.39 13.04 36.16
N ILE A 122 2.14 14.06 35.35
CA ILE A 122 1.76 15.35 35.90
C ILE A 122 0.33 15.25 36.41
N ASP A 123 0.09 15.74 37.62
CA ASP A 123 -1.24 15.66 38.23
C ASP A 123 -1.84 17.06 38.33
N CYS A 124 -1.49 17.78 39.38
CA CYS A 124 -1.96 19.14 39.60
C CYS A 124 -3.49 19.29 39.44
N PHE A 125 -4.23 18.27 39.88
CA PHE A 125 -5.70 18.22 39.81
C PHE A 125 -6.29 18.16 38.39
N GLY A 126 -5.48 17.81 37.40
CA GLY A 126 -5.99 17.72 36.04
C GLY A 126 -7.08 16.67 35.92
N SER A 127 -8.25 17.09 35.44
CA SER A 127 -9.35 16.16 35.16
C SER A 127 -8.92 15.08 34.19
N ASN A 128 -8.19 15.49 33.16
CA ASN A 128 -7.76 14.61 32.09
C ASN A 128 -6.83 15.36 31.13
N TRP A 129 -5.53 15.30 31.41
CA TRP A 129 -4.54 16.07 30.66
C TRP A 129 -4.44 15.63 29.20
N THR A 130 -4.78 14.37 28.94
CA THR A 130 -4.81 13.90 27.56
C THR A 130 -5.95 14.60 26.78
N GLN A 131 -7.09 14.80 27.44
CA GLN A 131 -8.18 15.60 26.86
C GLN A 131 -7.73 17.05 26.62
N THR A 132 -7.10 17.64 27.64
CA THR A 132 -6.56 18.98 27.56
C THR A 132 -5.55 19.08 26.41
N LYS A 133 -4.70 18.07 26.30
CA LYS A 133 -3.67 18.02 25.25
C LYS A 133 -4.29 18.07 23.86
N LYS A 134 -5.22 17.16 23.61
CA LYS A 134 -5.94 17.12 22.34
C LYS A 134 -6.61 18.45 22.02
N ASP A 135 -7.27 19.05 23.02
CA ASP A 135 -7.94 20.34 22.84
C ASP A 135 -6.93 21.44 22.55
N PHE A 136 -5.81 21.39 23.24
CA PHE A 136 -4.79 22.42 23.11
C PHE A 136 -4.22 22.42 21.71
N TYR A 137 -3.83 21.24 21.24
CA TYR A 137 -3.19 21.13 19.94
C TYR A 137 -4.18 21.38 18.81
N SER A 138 -5.47 21.09 19.04
CA SER A 138 -6.48 21.44 18.03
C SER A 138 -6.50 22.96 17.82
N ARG A 139 -6.38 23.73 18.90
CA ARG A 139 -6.36 25.20 18.81
C ARG A 139 -5.09 25.74 18.17
N ILE A 140 -3.95 25.21 18.57
CA ILE A 140 -2.66 25.56 17.95
C ILE A 140 -2.69 25.36 16.44
N TYR A 141 -3.14 24.18 15.99
CA TYR A 141 -3.11 23.83 14.56
C TYR A 141 -4.09 24.72 13.80
N GLU A 142 -5.25 24.94 14.39
CA GLU A 142 -6.28 25.80 13.81
C GLU A 142 -5.74 27.22 13.58
N ALA A 143 -5.07 27.77 14.59
CA ALA A 143 -4.50 29.13 14.49
C ALA A 143 -3.22 29.15 13.63
N ALA A 144 -2.40 28.09 13.73
CA ALA A 144 -1.17 28.00 12.95
C ALA A 144 -1.45 27.93 11.45
N ARG A 145 -2.55 27.27 11.09
CA ARG A 145 -2.90 27.06 9.70
C ARG A 145 -3.05 28.38 8.93
N SER A 146 -3.51 29.43 9.61
CA SER A 146 -3.76 30.72 8.98
C SER A 146 -2.74 31.80 9.38
N SER A 147 -1.66 31.39 10.03
CA SER A 147 -0.67 32.34 10.49
C SER A 147 0.66 32.11 9.79
N THR A 148 1.45 33.17 9.64
CA THR A 148 2.82 33.03 9.16
C THR A 148 3.77 32.62 10.31
N CYS A 149 3.51 33.15 11.51
CA CYS A 149 4.42 32.98 12.64
C CYS A 149 3.71 32.43 13.88
N MET A 150 4.52 32.10 14.89
CA MET A 150 4.02 31.64 16.17
C MET A 150 5.02 32.01 17.25
N THR A 151 4.53 32.41 18.41
CA THR A 151 5.43 32.58 19.54
C THR A 151 4.71 32.30 20.86
N LEU A 152 5.42 31.68 21.78
CA LEU A 152 4.96 31.63 23.16
C LEU A 152 4.89 33.07 23.68
N VAL A 153 3.84 33.37 24.43
CA VAL A 153 3.79 34.57 25.24
C VAL A 153 3.91 34.12 26.68
N ASN A 154 5.09 34.26 27.26
CA ASN A 154 5.40 33.58 28.51
C ASN A 154 4.96 34.33 29.77
N SER A 155 4.26 35.44 29.58
CA SER A 155 3.71 36.21 30.70
C SER A 155 2.71 37.25 30.23
N LEU A 156 1.42 37.00 30.50
CA LEU A 156 0.37 37.99 30.32
C LEU A 156 0.33 39.01 31.47
N ASP A 157 0.00 40.25 31.17
CA ASP A 157 -0.29 41.22 32.22
C ASP A 157 -1.58 40.82 32.92
N THR A 158 -1.50 40.58 34.23
CA THR A 158 -2.69 40.21 34.97
C THR A 158 -2.86 41.07 36.21
N LYS A 159 -4.06 41.04 36.76
CA LYS A 159 -4.37 41.86 37.93
C LYS A 159 -5.59 41.33 38.66
N ILE A 160 -5.40 41.06 39.94
CA ILE A 160 -6.43 40.54 40.83
C ILE A 160 -7.00 41.67 41.68
N SER A 161 -8.30 41.62 41.97
CA SER A 161 -8.94 42.64 42.81
C SER A 161 -8.76 42.35 44.30
N SER A 162 -8.68 41.07 44.65
CA SER A 162 -8.63 40.67 46.06
C SER A 162 -7.30 41.02 46.70
N THR A 163 -7.38 41.67 47.86
CA THR A 163 -6.20 42.09 48.58
C THR A 163 -5.78 41.04 49.61
N THR A 164 -6.61 40.01 49.78
CA THR A 164 -6.34 38.98 50.78
C THR A 164 -6.06 37.59 50.17
N ALA A 165 -6.53 37.36 48.95
CA ALA A 165 -6.26 36.10 48.28
C ALA A 165 -4.76 35.85 48.17
N THR A 166 -4.35 34.59 48.15
CA THR A 166 -2.93 34.22 48.09
C THR A 166 -2.68 33.11 47.07
N ALA A 167 -1.41 32.95 46.68
CA ALA A 167 -1.08 32.03 45.58
C ALA A 167 -1.31 30.58 45.99
N GLY A 168 -1.93 29.81 45.11
CA GLY A 168 -2.29 28.44 45.42
C GLY A 168 -1.19 27.43 45.17
N THR A 169 -1.14 26.43 46.05
CA THR A 169 -0.09 25.41 46.05
C THR A 169 -0.74 24.06 46.31
N ALA A 170 -0.18 22.99 45.72
CA ALA A 170 -0.77 21.68 45.87
C ALA A 170 0.29 20.60 45.97
N SER A 171 0.10 19.69 46.92
CA SER A 171 0.96 18.53 47.04
C SER A 171 0.97 17.72 45.75
N SER A 172 -0.18 17.71 45.06
CA SER A 172 -0.31 16.95 43.83
C SER A 172 0.36 17.67 42.66
N CYS A 173 0.90 18.86 42.93
CA CYS A 173 1.62 19.60 41.90
C CYS A 173 3.02 19.99 42.38
N SER A 174 3.75 19.00 42.89
CA SER A 174 5.13 19.18 43.37
C SER A 174 5.25 20.21 44.49
N SER A 175 4.16 20.43 45.23
CA SER A 175 4.10 21.45 46.28
C SER A 175 4.35 22.84 45.72
N SER A 176 3.92 23.05 44.49
CA SER A 176 3.84 24.40 43.92
C SER A 176 2.71 24.40 42.92
N TRP A 177 2.90 25.05 41.78
CA TRP A 177 1.81 25.19 40.83
C TRP A 177 2.28 25.49 39.40
N MET A 178 1.35 25.37 38.45
CA MET A 178 1.56 25.78 37.07
C MET A 178 2.07 27.21 36.97
N LYS A 179 2.73 27.52 35.85
CA LYS A 179 2.99 28.90 35.47
C LYS A 179 1.69 29.53 34.98
N SER A 180 0.91 28.73 34.25
CA SER A 180 -0.38 29.14 33.72
C SER A 180 -1.34 27.95 33.76
N PRO A 181 -2.53 28.12 34.36
CA PRO A 181 -3.05 29.33 34.99
C PRO A 181 -2.51 29.55 36.40
N LEU A 182 -2.53 30.81 36.84
CA LEU A 182 -2.25 31.13 38.23
C LEU A 182 -3.48 30.82 39.09
N TRP A 183 -3.20 30.35 40.30
CA TRP A 183 -4.25 29.90 41.20
C TRP A 183 -4.25 30.78 42.45
N TYR A 184 -5.34 31.50 42.65
CA TYR A 184 -5.50 32.32 43.85
C TYR A 184 -6.61 31.79 44.75
N ALA A 185 -6.29 31.60 46.01
CA ALA A 185 -7.26 31.06 46.96
C ALA A 185 -7.49 32.02 48.10
N GLU A 186 -8.71 31.99 48.63
CA GLU A 186 -9.08 32.79 49.80
C GLU A 186 -9.27 31.88 51.00
N SER A 187 -8.23 31.80 51.84
CA SER A 187 -8.23 30.91 52.99
C SER A 187 -9.27 31.27 54.06
N SER A 188 -9.87 32.45 53.96
CA SER A 188 -10.82 32.90 54.97
C SER A 188 -12.24 32.42 54.70
N VAL A 189 -12.47 31.88 53.51
CA VAL A 189 -13.78 31.35 53.14
C VAL A 189 -14.05 30.01 53.83
N ASN A 190 -15.14 29.94 54.61
CA ASN A 190 -15.48 28.71 55.33
C ASN A 190 -16.99 28.60 55.56
N PRO A 191 -17.65 27.67 54.85
CA PRO A 191 -19.09 27.46 54.99
C PRO A 191 -19.47 26.82 56.33
N PRO A 195 -18.77 26.85 59.61
CA PRO A 195 -18.93 28.14 60.28
C PRO A 195 -20.00 29.01 59.63
N GLN A 196 -19.64 30.23 59.22
CA GLN A 196 -20.61 31.21 58.74
C GLN A 196 -20.09 32.13 57.61
N VAL A 197 -18.86 31.93 57.15
CA VAL A 197 -18.15 32.94 56.35
C VAL A 197 -18.01 32.63 54.84
N CYS A 198 -18.56 33.50 54.00
CA CYS A 198 -18.65 33.20 52.57
C CYS A 198 -17.65 33.94 51.65
N GLY A 199 -17.13 35.07 52.11
CA GLY A 199 -16.14 35.82 51.35
C GLY A 199 -16.77 36.68 50.26
N THR A 200 -15.94 37.36 49.48
CA THR A 200 -16.42 38.22 48.41
C THR A 200 -16.06 37.60 47.05
N GLU A 201 -16.94 37.80 46.08
CA GLU A 201 -16.69 37.38 44.71
C GLU A 201 -15.33 37.86 44.22
N GLN A 202 -14.57 36.95 43.63
CA GLN A 202 -13.24 37.29 43.16
C GLN A 202 -13.27 37.76 41.70
N SER A 203 -12.33 38.64 41.37
CA SER A 203 -12.31 39.32 40.09
C SER A 203 -10.87 39.48 39.60
N ALA A 204 -10.71 39.60 38.28
CA ALA A 204 -9.38 39.75 37.72
C ALA A 204 -9.45 40.20 36.27
N THR A 205 -8.36 40.76 35.77
CA THR A 205 -8.24 41.01 34.35
C THR A 205 -6.97 40.35 33.84
N PHE A 206 -6.98 39.95 32.58
CA PHE A 206 -5.75 39.56 31.89
C PHE A 206 -5.79 40.17 30.49
N THR A 207 -4.62 40.55 30.00
CA THR A 207 -4.53 41.23 28.71
C THR A 207 -3.78 40.40 27.68
N LEU A 208 -4.41 40.20 26.53
CA LEU A 208 -3.74 39.63 25.37
C LEU A 208 -3.22 40.78 24.55
N PRO A 209 -1.90 40.86 24.37
CA PRO A 209 -1.27 41.99 23.69
C PRO A 209 -1.42 41.94 22.17
N THR A 210 -1.20 43.06 21.51
CA THR A 210 -1.30 43.13 20.06
C THR A 210 0.01 42.68 19.40
N SER A 211 1.02 42.42 20.22
CA SER A 211 2.31 42.01 19.72
C SER A 211 3.19 41.54 20.86
N PHE A 212 4.17 40.71 20.52
CA PHE A 212 5.10 40.17 21.49
C PHE A 212 6.48 40.12 20.84
N GLY A 213 7.35 40.99 21.30
CA GLY A 213 8.62 41.20 20.62
C GLY A 213 8.32 41.59 19.19
N ILE A 214 8.99 40.95 18.24
CA ILE A 214 8.86 41.28 16.83
C ILE A 214 7.60 40.68 16.19
N TYR A 215 6.90 39.84 16.94
CA TYR A 215 5.77 39.09 16.41
C TYR A 215 4.44 39.82 16.58
N LYS A 216 3.74 40.02 15.47
CA LYS A 216 2.39 40.56 15.48
C LYS A 216 1.40 39.50 15.98
N CYS A 217 0.49 39.92 16.85
CA CYS A 217 -0.58 39.04 17.33
C CYS A 217 -1.95 39.49 16.82
N ASN A 218 -2.60 38.66 16.01
CA ASN A 218 -4.00 38.87 15.65
C ASN A 218 -4.87 37.89 16.42
N LYS A 219 -4.25 36.81 16.89
CA LYS A 219 -4.96 35.69 17.52
C LYS A 219 -4.11 35.11 18.65
N HIS A 220 -4.78 34.79 19.75
CA HIS A 220 -4.15 34.16 20.90
C HIS A 220 -4.85 32.83 21.21
N VAL A 221 -4.07 31.77 21.36
CA VAL A 221 -4.55 30.53 21.96
C VAL A 221 -4.29 30.59 23.46
N VAL A 222 -5.36 30.58 24.25
CA VAL A 222 -5.24 30.60 25.71
C VAL A 222 -6.13 29.53 26.32
N GLN A 223 -5.89 29.23 27.59
CA GLN A 223 -6.71 28.27 28.32
C GLN A 223 -7.63 28.99 29.31
N LEU A 224 -8.93 28.78 29.16
CA LEU A 224 -9.89 29.36 30.10
C LEU A 224 -10.30 28.28 31.10
N CYS A 225 -9.48 28.12 32.13
CA CYS A 225 -9.65 27.02 33.07
C CYS A 225 -10.76 27.28 34.10
N TYR A 226 -11.22 26.21 34.71
CA TYR A 226 -12.21 26.30 35.78
C TYR A 226 -12.11 25.03 36.61
N PHE A 227 -12.73 25.03 37.78
CA PHE A 227 -12.77 23.82 38.56
C PHE A 227 -14.03 23.01 38.26
N VAL A 228 -13.90 21.70 38.32
CA VAL A 228 -15.02 20.80 38.09
C VAL A 228 -15.36 20.06 39.38
N TYR A 229 -16.54 20.32 39.91
CA TYR A 229 -17.01 19.65 41.12
C TYR A 229 -18.09 18.62 40.82
N GLU A 230 -18.15 17.59 41.66
CA GLU A 230 -19.14 16.52 41.52
C GLU A 230 -20.56 17.05 41.63
N ASN A 231 -20.81 17.85 42.66
CA ASN A 231 -22.14 18.45 42.87
C ASN A 231 -22.10 19.61 43.84
N LYS A 232 -23.25 20.25 44.01
CA LYS A 232 -23.37 21.42 44.89
C LYS A 232 -22.99 21.09 46.32
N ALA A 233 -23.37 19.90 46.77
CA ALA A 233 -23.12 19.51 48.16
C ALA A 233 -21.62 19.37 48.41
N LYS A 234 -20.91 18.77 47.46
CA LYS A 234 -19.48 18.59 47.59
C LYS A 234 -18.72 19.91 47.39
N PHE A 235 -19.23 20.79 46.54
CA PHE A 235 -18.61 22.11 46.39
C PHE A 235 -18.81 22.92 47.68
N ASN A 236 -19.93 22.69 48.36
CA ASN A 236 -20.29 23.45 49.56
C ASN A 236 -19.49 23.08 50.80
N THR A 237 -18.54 22.16 50.65
CA THR A 237 -17.59 21.90 51.73
C THR A 237 -16.39 22.83 51.53
N PHE A 238 -16.42 23.59 50.43
CA PHE A 238 -15.35 24.54 50.12
C PHE A 238 -15.86 25.98 50.05
N GLY A 239 -17.02 26.19 49.46
CA GLY A 239 -17.57 27.53 49.34
C GLY A 239 -19.08 27.56 49.43
N CYS A 240 -19.64 28.76 49.58
CA CYS A 240 -21.08 28.94 49.66
C CYS A 240 -21.67 29.22 48.28
N GLY A 241 -22.92 28.82 48.06
CA GLY A 241 -23.59 29.01 46.78
C GLY A 241 -23.28 27.87 45.83
N ASP A 242 -23.24 28.18 44.53
CA ASP A 242 -22.79 27.22 43.53
C ASP A 242 -21.40 27.60 43.00
N TYR A 243 -20.65 26.62 42.52
CA TYR A 243 -19.37 26.96 41.92
C TYR A 243 -19.55 27.76 40.64
N TYR A 244 -18.65 28.70 40.41
CA TYR A 244 -18.59 29.39 39.12
C TYR A 244 -17.28 30.13 38.92
N GLN A 245 -16.86 30.13 37.66
CA GLN A 245 -15.75 30.91 37.16
C GLN A 245 -16.09 31.29 35.72
N ASN A 246 -16.35 32.57 35.48
CA ASN A 246 -16.75 33.03 34.16
C ASN A 246 -15.74 34.01 33.54
N TYR A 247 -15.52 33.86 32.24
CA TYR A 247 -14.63 34.77 31.52
C TYR A 247 -15.41 35.70 30.60
N TYR A 248 -15.07 36.99 30.66
CA TYR A 248 -15.78 38.03 29.94
C TYR A 248 -14.83 38.85 29.08
N ASP A 249 -15.31 39.35 27.94
CA ASP A 249 -14.52 40.33 27.17
C ASP A 249 -14.76 41.71 27.78
N GLY A 250 -14.21 42.74 27.15
CA GLY A 250 -14.26 44.07 27.71
C GLY A 250 -15.66 44.65 27.89
N ASN A 251 -16.65 44.05 27.24
CA ASN A 251 -18.02 44.57 27.29
C ASN A 251 -18.94 43.77 28.20
N GLY A 252 -18.50 42.58 28.60
CA GLY A 252 -19.31 41.72 29.44
C GLY A 252 -19.89 40.51 28.74
N ASN A 253 -19.42 40.23 27.52
CA ASN A 253 -19.81 39.02 26.81
C ASN A 253 -19.06 37.80 27.39
N LEU A 254 -19.82 36.82 27.89
CA LEU A 254 -19.27 35.56 28.37
C LEU A 254 -18.60 34.77 27.25
N ILE A 255 -17.31 34.50 27.39
CA ILE A 255 -16.54 33.81 26.35
C ILE A 255 -15.91 32.50 26.80
N GLY A 256 -16.22 32.07 28.03
CA GLY A 256 -15.59 30.89 28.58
C GLY A 256 -15.83 30.75 30.07
N GLY A 257 -15.51 29.58 30.61
CA GLY A 257 -15.68 29.31 32.02
C GLY A 257 -16.61 28.15 32.31
N MET A 258 -17.01 28.03 33.57
CA MET A 258 -17.97 27.03 34.02
C MET A 258 -18.85 27.68 35.08
N ASP A 259 -20.16 27.69 34.83
CA ASP A 259 -21.09 28.32 35.76
C ASP A 259 -22.15 27.32 36.21
N ASN A 260 -22.00 26.82 37.44
CA ASN A 260 -22.91 25.80 37.93
C ASN A 260 -24.18 26.38 38.55
N ARG A 261 -24.38 27.69 38.39
CA ARG A 261 -25.62 28.33 38.79
C ARG A 261 -26.67 28.08 37.71
N VAL A 262 -26.22 27.84 36.47
CA VAL A 262 -27.15 27.49 35.41
C VAL A 262 -26.81 26.14 34.78
N ALA A 263 -25.55 25.73 34.85
CA ALA A 263 -25.14 24.48 34.23
C ALA A 263 -24.98 23.35 35.24
N ALA A 264 -25.41 22.16 34.85
CA ALA A 264 -25.27 20.96 35.68
C ALA A 264 -23.83 20.73 36.11
N TYR A 265 -23.67 20.17 37.31
CA TYR A 265 -22.39 19.66 37.76
C TYR A 265 -22.10 18.36 37.02
N ARG A 266 -20.84 18.15 36.65
CA ARG A 266 -20.48 16.95 35.90
C ARG A 266 -19.18 16.33 36.38
N GLY A 267 -18.76 16.67 37.59
CA GLY A 267 -17.57 16.07 38.17
C GLY A 267 -17.77 14.59 38.40
N ILE A 268 -16.74 13.79 38.12
CA ILE A 268 -16.84 12.34 38.30
C ILE A 268 -17.01 12.02 39.78
N ALA A 269 -17.91 11.08 40.08
CA ALA A 269 -18.27 10.76 41.47
C ALA A 269 -17.07 10.32 42.31
N ASN A 270 -16.90 10.99 43.45
CA ASN A 270 -15.85 10.72 44.43
C ASN A 270 -14.43 11.00 43.96
N ALA A 271 -14.31 11.57 42.76
CA ALA A 271 -13.00 11.93 42.23
C ALA A 271 -12.42 13.13 42.97
N GLY A 272 -13.28 13.91 43.61
CA GLY A 272 -12.87 15.14 44.24
C GLY A 272 -12.75 16.23 43.19
N VAL A 273 -12.34 17.43 43.62
CA VAL A 273 -12.19 18.56 42.71
C VAL A 273 -11.21 18.26 41.56
N LYS A 274 -11.55 18.74 40.37
CA LYS A 274 -10.67 18.64 39.22
C LYS A 274 -10.55 19.98 38.50
N ILE A 275 -9.47 20.15 37.75
CA ILE A 275 -9.34 21.31 36.88
C ILE A 275 -9.49 20.89 35.40
N GLU A 276 -10.25 21.68 34.66
CA GLU A 276 -10.35 21.52 33.19
C GLU A 276 -9.76 22.76 32.54
N CYS A 277 -9.07 22.57 31.44
CA CYS A 277 -8.39 23.69 30.77
C CYS A 277 -8.59 23.68 29.27
N PRO A 278 -9.83 23.96 28.82
CA PRO A 278 -10.09 24.06 27.38
C PRO A 278 -9.41 25.28 26.77
N SER A 279 -8.80 25.09 25.60
CA SER A 279 -8.14 26.20 24.91
C SER A 279 -9.11 26.93 23.97
N LYS A 280 -8.99 28.26 23.91
CA LYS A 280 -9.80 29.05 22.99
C LYS A 280 -8.93 29.99 22.18
N ILE A 281 -9.36 30.29 20.96
CA ILE A 281 -8.71 31.33 20.16
C ILE A 281 -9.40 32.67 20.43
N LEU A 282 -8.65 33.62 20.98
CA LEU A 282 -9.21 34.91 21.35
C LEU A 282 -8.48 36.06 20.65
N ASN A 283 -9.19 37.15 20.44
CA ASN A 283 -8.57 38.36 19.88
C ASN A 283 -7.75 39.08 20.95
N PRO A 284 -6.81 39.93 20.53
CA PRO A 284 -6.08 40.71 21.54
C PRO A 284 -7.04 41.67 22.25
N GLY A 285 -6.74 42.01 23.51
CA GLY A 285 -7.58 42.92 24.27
C GLY A 285 -7.47 42.62 25.75
N THR A 286 -8.31 43.25 26.55
CA THR A 286 -8.29 43.01 27.99
C THR A 286 -9.56 42.24 28.35
N TYR A 287 -9.41 41.22 29.18
CA TYR A 287 -10.51 40.31 29.49
C TYR A 287 -10.73 40.25 31.00
N SER A 288 -11.97 40.03 31.43
CA SER A 288 -12.30 40.04 32.85
C SER A 288 -12.71 38.67 33.35
N ILE A 289 -12.58 38.46 34.65
CA ILE A 289 -12.96 37.22 35.30
C ILE A 289 -13.79 37.50 36.55
N LYS A 290 -14.87 36.73 36.75
CA LYS A 290 -15.61 36.70 38.01
C LYS A 290 -15.68 35.26 38.48
N SER A 291 -15.40 35.01 39.76
CA SER A 291 -15.46 33.64 40.29
C SER A 291 -16.01 33.58 41.71
N THR A 292 -16.36 32.38 42.19
CA THR A 292 -16.68 32.16 43.60
C THR A 292 -15.54 32.67 44.43
N PRO A 293 -15.86 33.18 45.64
CA PRO A 293 -14.87 33.77 46.54
C PRO A 293 -13.65 32.93 46.80
N ARG A 294 -13.79 31.62 46.98
CA ARG A 294 -12.64 30.85 47.43
C ARG A 294 -11.59 30.56 46.35
N PHE A 295 -12.02 30.22 45.13
CA PHE A 295 -11.04 29.85 44.11
C PHE A 295 -11.13 30.68 42.83
N LEU A 296 -9.98 31.20 42.40
CA LEU A 296 -9.86 31.98 41.16
C LEU A 296 -8.71 31.47 40.28
N LEU A 297 -8.97 31.28 39.00
CA LEU A 297 -7.92 30.87 38.05
C LEU A 297 -7.75 31.96 36.99
N VAL A 298 -6.50 32.29 36.66
CA VAL A 298 -6.21 33.41 35.77
C VAL A 298 -5.15 33.01 34.75
N PRO A 299 -5.47 33.14 33.45
CA PRO A 299 -4.53 32.75 32.41
C PRO A 299 -3.28 33.62 32.46
N LYS A 300 -2.11 33.00 32.30
CA LYS A 300 -0.87 33.74 32.48
C LYS A 300 -0.01 33.66 31.23
N ARG A 301 -0.33 32.73 30.34
CA ARG A 301 0.40 32.61 29.08
C ARG A 301 -0.57 32.51 27.91
N SER A 302 -0.01 32.55 26.70
CA SER A 302 -0.77 32.32 25.49
C SER A 302 0.20 31.95 24.38
N TYR A 303 -0.34 31.56 23.23
CA TYR A 303 0.45 31.48 22.02
C TYR A 303 -0.09 32.52 21.06
N CYS A 304 0.80 33.35 20.56
CA CYS A 304 0.43 34.46 19.70
C CYS A 304 0.60 34.09 18.24
N PHE A 305 -0.42 34.42 17.44
CA PHE A 305 -0.42 34.13 16.01
C PHE A 305 -0.81 35.37 15.21
N ASP A 306 -0.42 35.41 13.94
CA ASP A 306 -0.92 36.45 13.08
C ASP A 306 -1.96 35.88 12.13
N THR A 307 -2.51 36.70 11.24
CA THR A 307 -3.45 36.22 10.23
C THR A 307 -2.99 36.62 8.84
N ASP A 308 -1.68 36.61 8.61
CA ASP A 308 -1.11 36.92 7.31
C ASP A 308 -1.13 35.69 6.42
N GLY A 309 -1.49 34.55 6.99
CA GLY A 309 -1.69 33.36 6.19
C GLY A 309 -0.53 32.40 6.24
N GLY A 310 -0.82 31.15 5.91
CA GLY A 310 0.17 30.10 5.88
C GLY A 310 -0.31 28.93 5.05
N TYR A 311 0.51 27.89 4.97
CA TYR A 311 0.11 26.68 4.27
C TYR A 311 -0.49 25.69 5.28
N PRO A 312 -1.19 24.67 4.78
CA PRO A 312 -1.55 23.56 5.68
C PRO A 312 -0.33 23.07 6.42
N ILE A 313 -0.46 22.78 7.71
CA ILE A 313 0.70 22.41 8.53
C ILE A 313 0.97 20.91 8.48
N GLN A 314 2.15 20.52 8.91
CA GLN A 314 2.50 19.11 9.06
C GLN A 314 2.72 18.78 10.53
N VAL A 315 2.03 17.77 11.03
CA VAL A 315 2.20 17.34 12.40
C VAL A 315 2.76 15.92 12.42
N VAL A 316 3.82 15.74 13.18
CA VAL A 316 4.55 14.49 13.21
C VAL A 316 4.23 13.73 14.48
N GLN A 317 3.87 12.47 14.35
CA GLN A 317 3.56 11.59 15.47
C GLN A 317 4.64 11.72 16.55
N SER A 318 4.21 12.03 17.76
CA SER A 318 5.12 12.24 18.87
C SER A 318 4.79 11.29 20.01
N GLU A 319 5.39 10.11 19.96
CA GLU A 319 5.12 9.05 20.94
C GLU A 319 6.43 8.49 21.48
N TRP A 320 6.36 7.86 22.65
CA TRP A 320 7.53 7.19 23.22
C TRP A 320 7.77 5.82 22.57
N SER A 321 8.91 5.22 22.90
CA SER A 321 9.14 3.80 22.59
C SER A 321 8.19 2.98 23.45
N ALA A 322 8.15 1.67 23.19
CA ALA A 322 7.12 0.80 23.75
C ALA A 322 7.13 0.77 25.27
N SER A 323 8.29 0.99 25.88
CA SER A 323 8.42 0.89 27.33
C SER A 323 7.68 1.98 28.10
N ARG A 324 7.35 3.08 27.42
CA ARG A 324 6.70 4.20 28.10
C ARG A 324 5.23 4.39 27.69
N ARG A 325 4.51 5.18 28.48
CA ARG A 325 3.08 5.39 28.24
C ARG A 325 2.79 6.65 27.41
N SER A 326 2.43 6.43 26.14
CA SER A 326 2.17 7.48 25.17
C SER A 326 0.69 7.83 25.09
N ASP A 327 0.38 8.78 24.23
CA ASP A 327 -1.00 9.07 23.86
C ASP A 327 -1.00 9.42 22.37
N ASN A 328 -2.19 9.54 21.78
CA ASN A 328 -2.26 9.95 20.38
C ASN A 328 -3.13 11.18 20.23
N ALA A 329 -2.99 12.08 21.19
CA ALA A 329 -3.76 13.33 21.23
C ALA A 329 -3.43 14.26 20.05
N THR A 330 -2.14 14.39 19.72
CA THR A 330 -1.78 15.28 18.61
C THR A 330 -2.28 14.67 17.29
N GLU A 331 -2.32 13.34 17.22
CA GLU A 331 -2.88 12.68 16.04
C GLU A 331 -4.35 13.04 15.89
N GLU A 332 -5.09 12.93 16.98
CA GLU A 332 -6.53 13.15 16.91
C GLU A 332 -6.84 14.62 16.72
N ALA A 333 -6.00 15.49 17.30
CA ALA A 333 -6.14 16.93 17.09
C ALA A 333 -5.96 17.26 15.62
N CYS A 334 -4.92 16.67 15.02
CA CYS A 334 -4.62 16.93 13.62
C CYS A 334 -5.77 16.46 12.73
N LEU A 335 -6.27 15.26 13.02
CA LEU A 335 -7.36 14.66 12.26
C LEU A 335 -8.64 15.51 12.22
N GLN A 336 -8.95 16.18 13.32
CA GLN A 336 -10.20 16.96 13.38
C GLN A 336 -9.99 18.43 13.02
N THR A 337 -8.78 18.77 12.57
CA THR A 337 -8.46 20.15 12.21
C THR A 337 -8.15 20.30 10.73
N GLU A 338 -8.91 21.15 10.05
CA GLU A 338 -8.66 21.52 8.65
C GLU A 338 -7.25 22.04 8.40
N GLY A 339 -6.64 21.59 7.32
CA GLY A 339 -5.34 22.10 6.93
C GLY A 339 -4.20 21.51 7.73
N CYS A 340 -4.44 20.36 8.36
CA CYS A 340 -3.40 19.69 9.11
C CYS A 340 -3.06 18.31 8.51
N ILE A 341 -1.79 18.14 8.17
CA ILE A 341 -1.31 16.89 7.59
C ILE A 341 -0.53 16.10 8.63
N PHE A 342 -0.94 14.85 8.88
CA PHE A 342 -0.32 14.06 9.93
C PHE A 342 0.61 12.98 9.41
N ILE A 343 1.82 12.93 9.96
CA ILE A 343 2.84 11.97 9.58
C ILE A 343 2.97 10.91 10.67
N LYS A 344 2.82 9.64 10.29
CA LYS A 344 2.68 8.56 11.26
C LYS A 344 3.58 7.37 10.92
N LYS A 345 4.29 6.87 11.94
CA LYS A 345 5.11 5.67 11.80
C LYS A 345 4.25 4.39 11.75
N THR A 346 4.77 3.36 11.11
CA THR A 346 4.09 2.07 11.00
C THR A 346 4.70 1.01 11.94
N THR A 347 5.89 1.30 12.43
CA THR A 347 6.62 0.39 13.31
C THR A 347 6.97 1.14 14.60
N PRO A 348 7.27 0.42 15.70
CA PRO A 348 7.44 1.18 16.94
C PRO A 348 8.68 2.09 16.93
N TYR A 349 8.71 3.04 17.86
CA TYR A 349 9.84 3.96 17.96
C TYR A 349 11.00 3.27 18.66
N VAL A 350 12.14 3.18 17.96
CA VAL A 350 13.33 2.57 18.51
C VAL A 350 14.56 3.45 18.29
N GLY A 351 15.05 4.07 19.35
CA GLY A 351 16.11 5.06 19.20
C GLY A 351 17.53 4.53 19.10
N GLU A 352 18.39 5.30 18.44
CA GLU A 352 19.81 4.98 18.38
C GLU A 352 20.54 5.46 19.63
N ALA A 353 20.36 6.72 20.00
CA ALA A 353 20.98 7.26 21.20
C ALA A 353 20.52 6.47 22.41
N ALA A 354 19.28 6.73 22.82
CA ALA A 354 18.64 5.95 23.87
C ALA A 354 17.37 5.29 23.29
N ASP A 355 16.45 4.85 24.14
CA ASP A 355 15.23 4.20 23.64
C ASP A 355 14.40 5.14 22.75
N ASN A 356 14.37 6.42 23.12
CA ASN A 356 13.36 7.33 22.60
C ASN A 356 13.83 8.42 21.66
N ALA A 357 15.06 8.29 21.17
CA ALA A 357 15.64 9.30 20.29
C ALA A 357 16.50 8.67 19.20
N GLY A 358 16.14 8.94 17.95
CA GLY A 358 16.94 8.52 16.81
C GLY A 358 16.44 7.25 16.13
N ASP A 359 15.23 7.33 15.57
CA ASP A 359 14.50 6.18 15.00
C ASP A 359 14.66 6.09 13.47
N ILE A 360 15.03 4.91 12.96
CA ILE A 360 15.31 4.75 11.53
C ILE A 360 14.10 5.06 10.62
N GLU A 361 12.92 4.55 10.98
CA GLU A 361 11.74 4.83 10.17
C GLU A 361 11.42 6.32 10.16
N MET A 362 11.53 6.97 11.32
CA MET A 362 11.23 8.40 11.36
C MET A 362 12.25 9.20 10.53
N ARG A 363 13.51 8.77 10.54
CA ARG A 363 14.52 9.46 9.75
C ARG A 363 14.22 9.28 8.26
N GLN A 364 13.59 8.18 7.89
CA GLN A 364 13.24 7.99 6.49
C GLN A 364 12.08 8.92 6.13
N LEU A 365 11.09 8.97 7.02
CA LEU A 365 9.92 9.81 6.84
C LEU A 365 10.21 11.31 6.87
N LEU A 366 11.17 11.73 7.68
CA LEU A 366 11.48 13.16 7.78
C LEU A 366 12.57 13.60 6.79
N SER A 367 13.17 12.63 6.11
CA SER A 367 14.30 12.91 5.22
C SER A 367 13.95 13.94 4.14
N GLY A 368 12.68 14.04 3.77
CA GLY A 368 12.23 14.97 2.75
C GLY A 368 12.33 16.45 3.10
N LEU A 369 12.72 16.76 4.34
CA LEU A 369 12.69 18.13 4.84
C LEU A 369 13.85 19.16 4.56
N GLY A 370 15.01 18.82 4.01
CA GLY A 370 15.37 17.62 3.31
C GLY A 370 15.71 18.05 1.91
N ASN A 371 14.75 17.84 1.01
CA ASN A 371 14.98 17.99 -0.42
C ASN A 371 14.71 19.38 -0.95
N ASN A 372 15.20 19.65 -2.15
CA ASN A 372 15.07 20.94 -2.80
C ASN A 372 14.11 20.88 -4.00
N ASP A 373 13.61 19.69 -4.31
CA ASP A 373 12.79 19.49 -5.51
C ASP A 373 11.40 18.93 -5.23
N THR A 374 10.88 19.11 -4.02
CA THR A 374 9.50 18.75 -3.72
C THR A 374 8.55 19.83 -4.25
N VAL A 375 7.52 19.43 -5.01
CA VAL A 375 6.60 20.44 -5.54
C VAL A 375 5.21 20.34 -4.91
N CYS A 376 4.93 19.21 -4.27
CA CYS A 376 3.63 18.99 -3.65
C CYS A 376 3.80 18.25 -2.34
N VAL A 377 3.07 18.70 -1.31
CA VAL A 377 3.00 18.01 -0.03
C VAL A 377 1.55 17.67 0.25
N SER A 378 1.27 16.42 0.59
CA SER A 378 -0.11 16.01 0.82
C SER A 378 -0.17 14.97 1.93
N GLN A 379 -1.40 14.62 2.32
CA GLN A 379 -1.61 13.63 3.38
C GLN A 379 -1.20 12.23 2.89
N SER A 380 -1.00 12.09 1.58
CA SER A 380 -0.56 10.82 1.00
C SER A 380 0.96 10.76 0.87
N GLY A 381 1.62 11.89 1.10
CA GLY A 381 3.05 12.01 0.88
C GLY A 381 3.37 13.15 -0.08
N TYR A 382 4.62 13.20 -0.54
CA TYR A 382 5.08 14.33 -1.35
C TYR A 382 5.62 13.89 -2.68
N THR A 383 5.60 14.79 -3.65
CA THR A 383 6.01 14.43 -4.99
C THR A 383 6.97 15.44 -5.60
N LYS A 384 7.69 14.97 -6.61
CA LYS A 384 8.46 15.86 -7.48
C LYS A 384 7.60 16.28 -8.66
N GLY A 385 8.12 17.20 -9.48
CA GLY A 385 7.37 17.71 -10.60
C GLY A 385 7.70 16.99 -11.89
N GLU A 386 7.60 15.66 -11.86
CA GLU A 386 7.88 14.86 -13.06
C GLU A 386 6.77 14.94 -14.09
N THR A 387 5.56 14.57 -13.68
CA THR A 387 4.41 14.58 -14.57
C THR A 387 3.25 15.23 -13.83
N PRO A 388 2.14 15.51 -14.55
CA PRO A 388 0.95 16.01 -13.86
C PRO A 388 0.08 14.91 -13.26
N PHE A 389 0.54 13.66 -13.33
CA PHE A 389 -0.31 12.52 -12.95
C PHE A 389 0.23 11.65 -11.82
N VAL A 390 -0.66 11.17 -10.96
CA VAL A 390 -0.37 10.10 -10.01
C VAL A 390 -1.36 8.94 -10.17
N LYS A 391 -0.90 7.73 -9.82
CA LYS A 391 -1.71 6.52 -9.97
C LYS A 391 -2.92 6.48 -9.05
N ASP A 392 -2.70 6.82 -7.79
CA ASP A 392 -3.80 7.01 -6.85
C ASP A 392 -3.90 8.47 -6.43
N TYR A 393 -5.05 8.84 -5.88
CA TYR A 393 -5.27 10.19 -5.37
C TYR A 393 -4.21 10.63 -4.37
N LEU A 394 -3.92 11.93 -4.37
CA LEU A 394 -3.19 12.55 -3.28
C LEU A 394 -4.23 13.06 -2.29
N SER A 395 -4.29 12.43 -1.12
CA SER A 395 -5.28 12.82 -0.12
C SER A 395 -5.02 14.22 0.37
N PRO A 396 -6.10 15.00 0.53
CA PRO A 396 -5.97 16.29 1.21
C PRO A 396 -5.80 16.06 2.72
N PRO A 397 -5.31 17.07 3.46
CA PRO A 397 -4.90 18.38 2.98
C PRO A 397 -3.68 18.30 2.09
N LYS A 398 -3.51 19.30 1.23
CA LYS A 398 -2.40 19.33 0.30
C LYS A 398 -2.23 20.71 -0.29
N TYR A 399 -1.00 20.98 -0.74
CA TYR A 399 -0.66 22.24 -1.38
C TYR A 399 0.53 22.07 -2.33
N GLY A 400 0.64 22.99 -3.29
CA GLY A 400 1.73 23.03 -4.24
C GLY A 400 1.32 22.58 -5.64
N ARG A 401 2.28 22.15 -6.45
CA ARG A 401 1.96 21.67 -7.80
C ARG A 401 1.58 20.20 -7.69
N CYS A 402 0.28 19.97 -7.52
CA CYS A 402 -0.17 18.65 -7.09
C CYS A 402 -0.79 17.83 -8.22
N GLN A 403 -0.27 16.62 -8.39
CA GLN A 403 -0.68 15.73 -9.48
C GLN A 403 -2.11 15.23 -9.34
N LEU A 404 -2.68 14.86 -10.49
CA LEU A 404 -4.06 14.39 -10.56
C LEU A 404 -4.10 12.90 -10.86
N LYS A 405 -5.13 12.23 -10.36
CA LYS A 405 -5.30 10.83 -10.65
C LYS A 405 -6.04 10.57 -11.96
N THR A 406 -5.46 9.75 -12.81
CA THR A 406 -6.13 9.30 -14.01
C THR A 406 -5.83 7.81 -14.21
N ASP A 407 -6.75 7.06 -14.78
CA ASP A 407 -6.44 5.67 -15.12
C ASP A 407 -5.35 5.64 -16.18
N SER A 408 -4.49 4.63 -16.11
CA SER A 408 -3.40 4.50 -17.06
C SER A 408 -3.93 4.37 -18.49
N GLY A 409 -5.10 3.77 -18.64
CA GLY A 409 -5.69 3.57 -19.94
C GLY A 409 -6.07 4.87 -20.63
N ARG A 410 -6.28 5.92 -19.85
CA ARG A 410 -6.73 7.18 -20.42
C ARG A 410 -5.54 8.06 -20.82
N ILE A 411 -4.32 7.56 -20.59
CA ILE A 411 -3.14 8.26 -21.07
C ILE A 411 -2.87 7.88 -22.52
N PRO A 412 -2.94 8.86 -23.42
CA PRO A 412 -2.82 8.57 -24.85
C PRO A 412 -1.40 8.15 -25.24
N THR A 413 -1.29 7.50 -26.39
CA THR A 413 -0.03 6.89 -26.84
C THR A 413 0.49 7.51 -28.12
N LEU A 414 1.78 7.28 -28.39
CA LEU A 414 2.38 7.72 -29.65
C LEU A 414 2.94 6.50 -30.39
N PRO A 415 2.96 6.58 -31.74
CA PRO A 415 3.46 5.47 -32.54
C PRO A 415 4.98 5.33 -32.48
N SER A 416 5.46 4.10 -32.62
CA SER A 416 6.89 3.83 -32.58
C SER A 416 7.22 2.59 -33.40
N GLY A 417 8.52 2.35 -33.61
CA GLY A 417 8.99 1.18 -34.32
C GLY A 417 8.39 0.97 -35.71
N LEU A 418 8.96 1.64 -36.69
CA LEU A 418 8.56 1.54 -38.09
C LEU A 418 7.21 2.17 -38.29
N ILE A 419 7.21 3.27 -39.02
CA ILE A 419 6.07 4.16 -39.09
C ILE A 419 5.80 4.52 -40.55
N ILE A 420 4.52 4.48 -40.93
CA ILE A 420 4.11 4.83 -42.29
C ILE A 420 3.01 5.88 -42.26
N PRO A 421 3.22 7.02 -42.95
CA PRO A 421 2.23 8.08 -42.91
C PRO A 421 1.03 7.79 -43.79
N GLN A 422 -0.11 8.40 -43.47
CA GLN A 422 -1.32 8.20 -44.25
C GLN A 422 -2.15 9.47 -44.27
N ALA A 423 -2.62 9.84 -45.45
CA ALA A 423 -3.49 10.98 -45.63
C ALA A 423 -4.32 10.75 -46.87
N GLY A 424 -5.33 11.58 -47.08
CA GLY A 424 -6.30 11.34 -48.14
C GLY A 424 -7.13 10.13 -47.77
N THR A 425 -7.98 9.69 -48.68
CA THR A 425 -8.85 8.57 -48.39
C THR A 425 -8.25 7.28 -48.94
N ASP A 426 -7.24 7.45 -49.80
CA ASP A 426 -6.55 6.34 -50.49
C ASP A 426 -7.50 5.43 -51.26
N SER A 427 -8.69 5.92 -51.59
CA SER A 427 -9.68 5.14 -52.31
C SER A 427 -10.45 6.00 -53.29
N PHE B 9 0.68 2.19 -54.05
CA PHE B 9 0.85 2.50 -55.47
C PHE B 9 1.76 3.72 -55.70
N GLY B 10 2.59 4.05 -54.72
CA GLY B 10 3.53 5.16 -54.84
C GLY B 10 3.34 6.39 -53.95
N LEU B 11 3.62 6.24 -52.66
CA LEU B 11 3.74 7.36 -51.69
C LEU B 11 2.51 8.27 -51.48
N LEU B 12 1.50 8.16 -52.33
CA LEU B 12 0.23 8.81 -52.05
C LEU B 12 -0.77 7.80 -51.49
N PHE B 13 -0.37 6.52 -51.52
CA PHE B 13 -1.23 5.42 -51.11
C PHE B 13 -0.52 4.48 -50.14
N VAL B 14 -1.30 3.86 -49.27
CA VAL B 14 -0.82 2.79 -48.40
C VAL B 14 -1.68 1.55 -48.64
N GLY B 15 -1.05 0.38 -48.73
CA GLY B 15 -1.79 -0.83 -49.06
C GLY B 15 -1.83 -1.89 -47.97
N PHE B 16 -2.77 -2.82 -48.11
CA PHE B 16 -3.00 -3.92 -47.17
C PHE B 16 -2.39 -5.22 -47.67
N VAL B 17 -1.89 -6.06 -46.76
CA VAL B 17 -1.43 -7.41 -47.12
C VAL B 17 -1.78 -8.42 -46.04
N ALA B 18 -2.12 -9.64 -46.45
CA ALA B 18 -2.65 -10.66 -45.55
C ALA B 18 -1.61 -11.26 -44.63
N GLY B 19 -2.00 -12.34 -43.94
CA GLY B 19 -1.21 -13.09 -42.97
C GLY B 19 0.26 -12.75 -42.77
N GLY B 20 1.11 -13.37 -43.58
CA GLY B 20 2.53 -13.07 -43.58
C GLY B 20 2.80 -11.74 -44.26
N VAL B 21 3.80 -11.72 -45.14
CA VAL B 21 4.17 -10.53 -45.91
C VAL B 21 4.60 -9.34 -45.04
N ALA B 22 5.85 -8.93 -45.19
CA ALA B 22 6.40 -7.82 -44.41
C ALA B 22 5.71 -6.50 -44.74
N GLY B 23 5.51 -5.67 -43.73
CA GLY B 23 4.99 -4.33 -43.93
C GLY B 23 6.13 -3.32 -44.05
N GLY B 24 5.85 -2.18 -44.67
CA GLY B 24 6.87 -1.16 -44.79
C GLY B 24 6.98 -0.56 -46.18
N TYR B 25 8.21 -0.28 -46.60
CA TYR B 25 8.47 0.38 -47.87
C TYR B 25 9.20 -0.55 -48.83
N PHE B 26 8.68 -0.68 -50.05
CA PHE B 26 9.23 -1.63 -51.01
C PHE B 26 9.37 -1.01 -52.40
N TRP B 27 10.13 -1.68 -53.27
CA TRP B 27 10.15 -1.31 -54.68
C TRP B 27 9.16 -2.15 -55.45
N GLY B 28 8.30 -1.47 -56.22
CA GLY B 28 7.29 -2.13 -57.03
C GLY B 28 7.45 -1.74 -58.49
N ARG B 29 7.02 -2.60 -59.42
CA ARG B 29 7.33 -2.28 -60.81
C ARG B 29 6.32 -2.79 -61.88
N SER B 30 6.44 -2.18 -63.07
CA SER B 30 5.48 -2.06 -64.18
C SER B 30 5.12 -3.21 -65.13
N ASN B 31 4.90 -2.78 -66.38
CA ASN B 31 4.51 -3.59 -67.53
C ASN B 31 5.78 -4.08 -68.24
N GLY B 32 5.81 -4.01 -69.57
CA GLY B 32 6.93 -4.56 -70.32
C GLY B 32 6.50 -5.32 -71.57
N GLY B 33 5.83 -6.45 -71.38
CA GLY B 33 5.44 -7.32 -72.49
C GLY B 33 4.15 -6.96 -73.21
N GLY B 34 3.23 -6.30 -72.51
CA GLY B 34 1.96 -5.90 -73.10
C GLY B 34 1.00 -7.06 -73.31
N GLY B 35 0.25 -7.42 -72.26
CA GLY B 35 0.38 -6.77 -70.97
C GLY B 35 1.17 -7.61 -69.99
N GLY B 36 1.94 -6.93 -69.13
CA GLY B 36 2.77 -7.61 -68.14
C GLY B 36 2.01 -8.12 -66.92
N ALA B 37 2.61 -7.96 -65.75
CA ALA B 37 1.99 -8.47 -64.51
C ALA B 37 2.44 -7.73 -63.25
N SER B 38 3.49 -6.93 -63.36
CA SER B 38 4.01 -6.14 -62.22
C SER B 38 4.90 -6.96 -61.29
N VAL B 39 5.15 -6.42 -60.09
CA VAL B 39 6.04 -7.06 -59.12
C VAL B 39 6.47 -6.13 -57.99
N SER B 40 6.40 -6.63 -56.76
CA SER B 40 6.90 -5.91 -55.60
C SER B 40 8.05 -6.67 -54.96
N SER B 41 9.03 -5.94 -54.51
CA SER B 41 10.26 -6.49 -54.00
C SER B 41 10.14 -7.06 -52.61
N THR B 42 11.27 -7.10 -51.90
CA THR B 42 11.25 -7.29 -50.47
C THR B 42 12.12 -6.33 -49.63
N GLN B 43 12.07 -5.05 -49.99
CA GLN B 43 12.50 -3.94 -49.14
C GLN B 43 13.80 -3.34 -49.58
N ALA B 44 13.92 -2.05 -49.34
CA ALA B 44 15.03 -1.31 -49.91
C ALA B 44 16.25 -1.28 -49.06
N GLY B 45 17.11 -0.35 -49.41
CA GLY B 45 18.18 0.14 -48.55
C GLY B 45 17.85 1.52 -48.02
N PHE B 46 16.57 1.73 -47.70
CA PHE B 46 16.09 3.03 -47.22
C PHE B 46 16.49 3.29 -45.78
N ASP B 47 17.77 3.42 -45.52
CA ASP B 47 18.21 3.66 -44.15
C ASP B 47 17.98 5.12 -43.77
N LYS B 48 17.79 5.97 -44.78
CA LYS B 48 17.41 7.37 -44.55
C LYS B 48 16.07 7.44 -43.83
N ILE B 49 15.15 6.55 -44.20
CA ILE B 49 13.85 6.47 -43.56
C ILE B 49 13.94 6.01 -42.10
N GLY B 50 14.81 5.04 -41.84
CA GLY B 50 15.01 4.54 -40.49
C GLY B 50 15.54 5.64 -39.59
N LYS B 51 16.52 6.40 -40.09
CA LYS B 51 17.11 7.49 -39.33
C LYS B 51 16.14 8.65 -39.16
N ASP B 52 15.37 8.94 -40.21
CA ASP B 52 14.39 10.01 -40.18
C ASP B 52 13.31 9.73 -39.14
N ILE B 53 12.83 8.49 -39.09
CA ILE B 53 11.86 8.06 -38.09
C ILE B 53 12.39 8.25 -36.67
N GLN B 54 13.63 7.82 -36.44
CA GLN B 54 14.25 7.94 -35.11
C GLN B 54 14.31 9.41 -34.67
N GLN B 55 14.66 10.28 -35.60
CA GLN B 55 14.78 11.71 -35.35
C GLN B 55 13.42 12.33 -35.05
N LEU B 56 12.42 11.99 -35.85
CA LEU B 56 11.08 12.53 -35.67
C LEU B 56 10.47 12.09 -34.34
N ARG B 57 10.70 10.83 -33.96
CA ARG B 57 10.16 10.33 -32.70
C ARG B 57 10.77 11.09 -31.55
N ASN B 58 12.08 11.35 -31.64
CA ASN B 58 12.77 12.00 -30.54
C ASN B 58 12.35 13.46 -30.40
N ASP B 59 11.99 14.07 -31.52
CA ASP B 59 11.56 15.46 -31.54
C ASP B 59 10.19 15.70 -30.86
N THR B 60 9.45 14.62 -30.63
CA THR B 60 8.18 14.71 -29.89
C THR B 60 8.41 15.05 -28.41
N ASN B 61 9.63 14.80 -27.93
CA ASN B 61 9.97 15.09 -26.55
C ASN B 61 9.75 16.54 -26.16
N ALA B 62 9.91 17.45 -27.11
CA ALA B 62 9.66 18.87 -26.85
C ALA B 62 8.22 19.13 -26.39
N ALA B 63 7.25 18.53 -27.09
CA ALA B 63 5.84 18.78 -26.77
C ALA B 63 5.43 18.03 -25.50
N ILE B 64 6.07 16.89 -25.24
CA ILE B 64 5.76 16.09 -24.07
C ILE B 64 6.31 16.77 -22.82
N GLU B 65 7.53 17.26 -22.91
CA GLU B 65 8.14 18.00 -21.81
C GLU B 65 7.34 19.26 -21.48
N GLY B 66 6.82 19.93 -22.51
CA GLY B 66 5.98 21.09 -22.28
C GLY B 66 4.77 20.71 -21.45
N PHE B 67 4.16 19.58 -21.79
CA PHE B 67 2.99 19.11 -21.05
C PHE B 67 3.34 18.67 -19.63
N ASN B 68 4.40 17.89 -19.48
CA ASN B 68 4.77 17.39 -18.15
C ASN B 68 5.18 18.51 -17.20
N GLY B 69 5.71 19.59 -17.76
CA GLY B 69 6.21 20.69 -16.96
C GLY B 69 5.11 21.57 -16.38
N ARG B 70 3.86 21.27 -16.74
CA ARG B 70 2.74 22.13 -16.39
C ARG B 70 1.81 21.47 -15.39
N ILE B 71 1.97 21.84 -14.13
CA ILE B 71 1.16 21.32 -13.04
C ILE B 71 0.57 22.48 -12.25
N ALA B 72 -0.74 22.62 -12.28
CA ALA B 72 -1.43 23.71 -11.60
C ALA B 72 -1.15 23.68 -10.07
N HIS B 73 -0.94 24.84 -9.44
CA HIS B 73 -0.82 24.87 -7.99
C HIS B 73 -2.22 24.95 -7.37
N ASP B 74 -2.31 24.38 -6.18
CA ASP B 74 -3.57 24.05 -5.52
C ASP B 74 -3.33 24.20 -4.01
N GLU B 75 -4.41 24.34 -3.25
CA GLU B 75 -4.32 24.30 -1.81
C GLU B 75 -5.66 23.85 -1.24
N GLN B 76 -5.65 22.69 -0.59
CA GLN B 76 -6.88 22.17 0.01
C GLN B 76 -6.63 21.92 1.50
N ALA B 77 -7.48 22.52 2.34
CA ALA B 77 -7.40 22.35 3.79
C ALA B 77 -8.33 21.24 4.23
N ILE B 78 -9.28 20.93 3.35
CA ILE B 78 -10.31 19.92 3.58
C ILE B 78 -9.69 18.55 3.89
N LYS B 79 -10.38 17.71 4.66
CA LYS B 79 -9.77 16.48 5.18
C LYS B 79 -10.19 15.23 4.41
N ASN B 80 -11.27 15.36 3.66
CA ASN B 80 -11.81 14.24 2.90
C ASN B 80 -11.76 14.54 1.40
N LEU B 81 -11.30 13.57 0.63
CA LEU B 81 -11.11 13.70 -0.80
C LEU B 81 -12.38 14.15 -1.54
N ALA B 82 -12.26 15.20 -2.35
CA ALA B 82 -13.36 15.58 -3.23
C ALA B 82 -13.23 14.88 -4.59
N LYS B 83 -13.63 13.61 -4.64
CA LYS B 83 -13.39 12.74 -5.77
C LYS B 83 -13.90 13.29 -7.10
N GLU B 84 -15.14 13.76 -7.11
CA GLU B 84 -15.77 14.24 -8.33
C GLU B 84 -15.07 15.45 -8.97
N ILE B 85 -14.71 16.43 -8.15
CA ILE B 85 -13.87 17.56 -8.57
C ILE B 85 -12.48 17.11 -9.02
N GLU B 86 -11.89 16.25 -8.21
CA GLU B 86 -10.61 15.63 -8.52
C GLU B 86 -10.67 14.96 -9.92
N ASP B 87 -11.62 14.06 -10.12
CA ASP B 87 -11.76 13.36 -11.41
C ASP B 87 -12.02 14.33 -12.57
N ALA B 88 -12.77 15.40 -12.33
CA ALA B 88 -13.05 16.40 -13.36
C ALA B 88 -11.78 17.10 -13.83
N ARG B 89 -10.93 17.47 -12.87
CA ARG B 89 -9.66 18.11 -13.20
C ARG B 89 -8.80 17.19 -14.06
N ALA B 90 -8.75 15.91 -13.69
CA ALA B 90 -7.97 14.95 -14.45
C ALA B 90 -8.50 14.77 -15.87
N GLU B 91 -9.83 14.66 -15.99
CA GLU B 91 -10.51 14.50 -17.27
C GLU B 91 -10.22 15.66 -18.21
N ALA B 92 -10.16 16.87 -17.65
CA ALA B 92 -9.84 18.05 -18.44
C ALA B 92 -8.39 18.01 -18.92
N LEU B 93 -7.47 17.62 -18.04
CA LEU B 93 -6.05 17.51 -18.40
C LEU B 93 -5.83 16.45 -19.47
N VAL B 94 -6.56 15.33 -19.35
CA VAL B 94 -6.46 14.24 -20.31
C VAL B 94 -7.04 14.69 -21.65
N GLY B 95 -8.06 15.54 -21.58
CA GLY B 95 -8.63 16.15 -22.77
C GLY B 95 -7.59 16.96 -23.50
N GLU B 96 -6.94 17.87 -22.78
CA GLU B 96 -5.85 18.65 -23.36
C GLU B 96 -4.74 17.74 -23.89
N LEU B 97 -4.41 16.70 -23.15
CA LEU B 97 -3.36 15.78 -23.58
C LEU B 97 -3.78 15.07 -24.87
N GLY B 98 -5.08 14.81 -24.99
CA GLY B 98 -5.61 14.15 -26.18
C GLY B 98 -5.48 14.98 -27.45
N ILE B 99 -5.62 16.29 -27.35
CA ILE B 99 -5.52 17.11 -28.56
C ILE B 99 -4.05 17.31 -28.92
N ILE B 100 -3.19 17.47 -27.91
CA ILE B 100 -1.75 17.56 -28.16
C ILE B 100 -1.27 16.31 -28.90
N ARG B 101 -1.72 15.14 -28.45
CA ARG B 101 -1.45 13.87 -29.10
C ARG B 101 -1.81 13.90 -30.58
N SER B 102 -3.00 14.40 -30.86
CA SER B 102 -3.49 14.50 -32.21
C SER B 102 -2.63 15.44 -33.04
N LEU B 103 -2.11 16.49 -32.41
CA LEU B 103 -1.22 17.39 -33.10
C LEU B 103 0.12 16.69 -33.35
N ILE B 104 0.59 15.92 -32.37
CA ILE B 104 1.90 15.27 -32.50
C ILE B 104 1.89 14.18 -33.58
N VAL B 105 0.85 13.35 -33.60
CA VAL B 105 0.70 12.33 -34.63
C VAL B 105 0.68 12.93 -36.02
N ALA B 106 -0.05 14.04 -36.18
CA ALA B 106 -0.12 14.72 -37.46
C ALA B 106 1.23 15.34 -37.83
N ASN B 107 1.93 15.85 -36.82
CA ASN B 107 3.23 16.46 -37.04
C ASN B 107 4.23 15.41 -37.50
N ILE B 108 4.19 14.24 -36.89
CA ILE B 108 5.01 13.11 -37.36
C ILE B 108 4.64 12.71 -38.79
N SER B 109 3.36 12.46 -39.02
CA SER B 109 2.83 12.07 -40.32
C SER B 109 3.30 13.00 -41.44
N MET B 110 3.08 14.29 -41.23
CA MET B 110 3.38 15.28 -42.26
C MET B 110 4.88 15.44 -42.49
N ASN B 111 5.68 15.29 -41.44
CA ASN B 111 7.12 15.41 -41.59
C ASN B 111 7.78 14.14 -42.14
N LEU B 112 7.21 12.98 -41.83
CA LEU B 112 7.67 11.72 -42.43
C LEU B 112 7.36 11.71 -43.92
N LYS B 113 6.13 12.11 -44.26
CA LYS B 113 5.71 12.24 -45.65
C LYS B 113 6.66 13.14 -46.43
N GLU B 114 6.99 14.29 -45.84
CA GLU B 114 7.95 15.21 -46.44
C GLU B 114 9.33 14.58 -46.61
N SER B 115 9.74 13.81 -45.60
CA SER B 115 11.02 13.12 -45.65
C SER B 115 11.02 12.04 -46.73
N LEU B 116 9.86 11.46 -46.99
CA LEU B 116 9.73 10.49 -48.07
C LEU B 116 9.79 11.22 -49.41
N TYR B 117 9.19 12.41 -49.47
CA TYR B 117 9.26 13.22 -50.68
C TYR B 117 10.71 13.60 -50.95
N GLU B 118 11.46 13.90 -49.89
CA GLU B 118 12.86 14.31 -50.04
C GLU B 118 13.70 13.11 -50.44
N LEU B 119 13.27 11.92 -50.07
CA LEU B 119 13.94 10.71 -50.54
C LEU B 119 13.72 10.52 -52.04
N ALA B 120 12.47 10.68 -52.49
CA ALA B 120 12.12 10.52 -53.89
C ALA B 120 12.79 11.58 -54.75
N ASN B 121 12.92 12.79 -54.22
CA ASN B 121 13.57 13.87 -54.97
C ASN B 121 15.04 13.59 -55.23
N GLN B 122 15.71 12.97 -54.27
CA GLN B 122 17.11 12.58 -54.43
C GLN B 122 17.26 11.58 -55.58
N ILE B 123 16.32 10.65 -55.66
CA ILE B 123 16.32 9.64 -56.71
C ILE B 123 16.09 10.27 -58.09
N THR B 124 15.17 11.22 -58.16
CA THR B 124 14.87 11.91 -59.41
C THR B 124 16.11 12.62 -59.94
N LYS B 125 16.89 13.20 -59.03
CA LYS B 125 18.08 13.98 -59.42
C LYS B 125 19.36 13.14 -59.50
N ARG B 126 19.21 11.84 -59.68
CA ARG B 126 20.37 11.01 -60.00
C ARG B 126 20.20 10.39 -61.39
N GLY B 127 18.94 10.16 -61.76
CA GLY B 127 18.62 9.77 -63.12
C GLY B 127 17.98 10.97 -63.78
N GLY B 128 18.79 12.00 -64.05
CA GLY B 128 18.27 13.29 -64.42
C GLY B 128 18.58 13.77 -65.83
N GLY B 129 17.55 13.84 -66.67
CA GLY B 129 16.20 13.51 -66.27
C GLY B 129 15.71 12.19 -66.86
N ILE B 130 16.46 11.12 -66.61
CA ILE B 130 16.02 9.79 -67.04
C ILE B 130 14.80 9.38 -66.21
N ALA B 131 14.63 10.06 -65.07
CA ALA B 131 13.60 9.73 -64.08
C ALA B 131 12.17 9.87 -64.58
N GLN B 132 11.73 11.12 -64.81
CA GLN B 132 10.34 11.43 -65.16
C GLN B 132 9.36 11.02 -64.06
N GLU B 133 9.02 11.97 -63.19
CA GLU B 133 8.11 11.70 -62.08
C GLU B 133 6.69 11.38 -62.56
N ALA B 134 6.03 10.46 -61.86
CA ALA B 134 4.62 10.17 -62.08
C ALA B 134 3.88 10.29 -60.75
N GLY B 135 3.91 11.48 -60.18
CA GLY B 135 3.47 11.67 -58.80
C GLY B 135 4.60 11.24 -57.88
N PRO B 136 4.54 11.65 -56.61
CA PRO B 136 5.62 11.34 -55.67
C PRO B 136 5.86 9.84 -55.50
N GLY B 137 7.13 9.45 -55.45
CA GLY B 137 7.51 8.06 -55.30
C GLY B 137 7.27 7.17 -56.52
N CYS B 138 7.04 7.79 -57.67
CA CYS B 138 6.85 7.04 -58.92
C CYS B 138 7.63 7.67 -60.08
N TRP B 139 8.13 6.81 -60.97
CA TRP B 139 8.87 7.28 -62.13
C TRP B 139 8.62 6.45 -63.40
N TYR B 140 8.73 7.10 -64.55
CA TYR B 140 8.75 6.40 -65.83
C TYR B 140 10.16 6.44 -66.43
N VAL B 141 10.78 5.27 -66.50
CA VAL B 141 12.07 5.16 -67.14
C VAL B 141 11.93 4.44 -68.48
N ASP B 142 12.64 4.94 -69.49
CA ASP B 142 12.68 4.25 -70.77
C ASP B 142 13.64 3.08 -70.70
N SER B 143 13.10 1.87 -70.63
CA SER B 143 13.93 0.66 -70.59
C SER B 143 14.65 0.46 -71.92
N GLU B 144 15.52 1.41 -72.26
CA GLU B 144 16.14 1.47 -73.58
C GLU B 144 17.34 2.41 -73.53
N ASN B 145 17.06 3.69 -73.28
CA ASN B 145 18.09 4.68 -72.96
C ASN B 145 18.87 4.15 -71.78
N CYS B 146 18.09 3.75 -70.79
CA CYS B 146 18.60 3.26 -69.52
C CYS B 146 18.01 1.90 -69.19
N ASP B 147 18.87 0.99 -68.70
CA ASP B 147 18.79 -0.50 -68.78
C ASP B 147 18.61 -1.53 -67.60
N ALA B 148 19.74 -1.78 -66.93
CA ALA B 148 19.92 -2.77 -65.87
C ALA B 148 20.94 -2.21 -64.89
N SER B 149 22.17 -1.94 -65.36
CA SER B 149 23.08 -1.20 -64.51
C SER B 149 22.60 0.23 -64.26
N CYS B 150 21.78 0.76 -65.18
CA CYS B 150 21.30 2.14 -65.10
C CYS B 150 20.23 2.33 -64.02
N LYS B 151 19.21 1.48 -64.04
CA LYS B 151 18.17 1.52 -63.02
C LYS B 151 18.75 1.21 -61.65
N GLU B 152 19.73 0.33 -61.63
CA GLU B 152 20.41 0.00 -60.39
C GLU B 152 21.10 1.23 -59.83
N TYR B 153 21.61 2.08 -60.72
CA TYR B 153 22.19 3.33 -60.26
C TYR B 153 21.08 4.22 -59.71
N ILE B 154 20.08 4.49 -60.55
CA ILE B 154 19.03 5.45 -60.20
C ILE B 154 18.25 5.09 -58.94
N PHE B 155 17.84 3.83 -58.78
CA PHE B 155 16.87 3.46 -57.74
C PHE B 155 17.43 2.63 -56.57
N ASN B 156 18.70 2.24 -56.70
CA ASN B 156 19.41 1.21 -55.93
C ASN B 156 18.72 -0.17 -55.75
N PHE B 157 17.98 -0.64 -56.76
CA PHE B 157 17.34 -1.97 -56.76
C PHE B 157 16.43 -2.04 -57.98
N GLU C 1 43.01 0.49 52.08
CA GLU C 1 42.11 1.15 51.13
C GLU C 1 41.16 0.16 50.45
N LEU C 2 39.88 0.48 50.44
CA LEU C 2 38.90 -0.33 49.72
C LEU C 2 38.77 0.15 48.27
N ILE C 3 39.03 -0.74 47.33
CA ILE C 3 38.94 -0.40 45.92
C ILE C 3 37.97 -1.33 45.17
N CYS C 4 37.03 -0.74 44.43
CA CYS C 4 35.99 -1.52 43.77
C CYS C 4 35.65 -1.03 42.38
N ILE C 5 35.09 -1.92 41.57
CA ILE C 5 34.40 -1.53 40.34
C ILE C 5 33.01 -1.03 40.72
N VAL C 6 32.62 0.13 40.22
CA VAL C 6 31.28 0.64 40.50
C VAL C 6 30.44 0.64 39.23
N GLN C 7 29.18 0.22 39.37
CA GLN C 7 28.26 0.18 38.24
C GLN C 7 27.23 1.30 38.43
N ARG C 8 27.05 2.12 37.40
CA ARG C 8 26.15 3.28 37.51
C ARG C 8 25.20 3.39 36.33
N VAL C 9 23.98 3.84 36.62
CA VAL C 9 23.00 4.07 35.57
C VAL C 9 22.46 5.49 35.61
N ASN C 10 21.89 5.91 34.49
CA ASN C 10 21.37 7.26 34.28
C ASN C 10 19.87 7.29 34.13
N GLU C 11 19.33 8.51 33.98
CA GLU C 11 17.97 8.71 33.54
C GLU C 11 17.73 7.95 32.24
N SER C 12 18.76 7.88 31.41
CA SER C 12 18.67 7.24 30.11
C SER C 12 18.80 5.71 30.16
N PHE C 13 18.89 5.16 31.37
CA PHE C 13 18.92 3.70 31.54
C PHE C 13 17.56 3.16 31.98
N SER C 14 17.08 2.15 31.25
CA SER C 14 15.86 1.45 31.60
C SER C 14 16.20 0.04 32.10
N LEU C 15 15.32 -0.51 32.94
CA LEU C 15 15.56 -1.83 33.51
C LEU C 15 14.73 -2.88 32.78
N HIS C 16 15.40 -3.92 32.29
CA HIS C 16 14.73 -4.98 31.56
C HIS C 16 14.70 -6.24 32.40
N SER C 17 13.52 -6.77 32.66
CA SER C 17 13.43 -7.90 33.57
C SER C 17 13.74 -9.20 32.84
N GLY C 18 14.21 -10.20 33.59
CA GLY C 18 14.54 -11.50 33.04
C GLY C 18 14.29 -12.59 34.06
N PHE C 19 14.07 -13.81 33.60
CA PHE C 19 13.91 -14.95 34.51
C PHE C 19 15.29 -15.48 34.94
N GLY C 20 15.85 -14.85 35.97
CA GLY C 20 17.15 -15.26 36.48
C GLY C 20 18.23 -14.22 36.26
N GLY C 21 17.82 -12.96 36.16
CA GLY C 21 18.75 -11.87 35.96
C GLY C 21 18.16 -10.72 35.18
N ASN C 22 18.26 -9.50 35.71
CA ASN C 22 17.80 -8.32 35.00
C ASN C 22 18.95 -7.63 34.26
N VAL C 23 18.60 -6.67 33.42
CA VAL C 23 19.59 -5.91 32.64
C VAL C 23 19.21 -4.43 32.55
N TYR C 24 20.18 -3.56 32.82
CA TYR C 24 20.05 -2.12 32.57
C TYR C 24 20.64 -1.76 31.20
N SER C 25 19.92 -0.94 30.44
CA SER C 25 20.45 -0.50 29.15
C SER C 25 19.86 0.84 28.70
N MET C 26 20.60 1.49 27.80
CA MET C 26 20.19 2.78 27.25
C MET C 26 19.38 2.60 25.98
N LYS C 27 19.76 1.59 25.21
CA LYS C 27 19.14 1.29 23.93
C LYS C 27 18.32 0.01 24.04
N THR C 28 17.41 -0.14 23.09
CA THR C 28 16.61 -1.33 22.97
C THR C 28 16.74 -1.76 21.51
N GLU C 29 16.51 -3.03 21.23
CA GLU C 29 16.44 -3.51 19.84
C GLU C 29 15.40 -4.60 19.72
N PRO C 30 14.48 -4.45 18.76
CA PRO C 30 13.30 -5.33 18.65
C PRO C 30 13.67 -6.74 18.20
N MET C 31 12.88 -7.71 18.61
CA MET C 31 13.20 -9.11 18.37
C MET C 31 12.65 -9.61 17.05
N THR C 32 11.70 -8.87 16.51
CA THR C 32 11.05 -9.24 15.26
C THR C 32 10.38 -8.02 14.63
N GLY C 33 9.80 -8.20 13.45
CA GLY C 33 9.09 -7.12 12.80
C GLY C 33 8.11 -7.68 11.79
N PHE C 34 7.74 -6.86 10.82
CA PHE C 34 6.78 -7.28 9.80
C PHE C 34 7.48 -7.79 8.55
N THR C 35 6.94 -8.87 7.98
CA THR C 35 7.38 -9.37 6.68
C THR C 35 6.61 -8.65 5.57
N ASN C 36 7.32 -8.22 4.53
CA ASN C 36 6.67 -7.59 3.38
C ASN C 36 5.65 -8.53 2.73
N VAL C 37 4.61 -7.93 2.18
CA VAL C 37 3.59 -8.68 1.46
C VAL C 37 3.58 -8.27 -0.02
N THR C 38 3.85 -9.24 -0.89
CA THR C 38 3.91 -8.99 -2.33
C THR C 38 2.65 -9.46 -3.03
N LYS C 39 2.00 -8.57 -3.79
CA LYS C 39 0.78 -8.94 -4.50
C LYS C 39 1.05 -9.76 -5.76
N GLY C 40 0.12 -10.64 -6.09
CA GLY C 40 0.27 -11.46 -7.27
C GLY C 40 0.32 -12.93 -6.95
N ALA C 41 0.76 -13.70 -7.94
CA ALA C 41 0.74 -15.15 -7.84
C ALA C 41 2.08 -15.69 -7.38
N SER C 42 2.04 -16.78 -6.64
CA SER C 42 3.26 -17.45 -6.23
C SER C 42 2.90 -18.87 -5.81
N VAL C 43 3.91 -19.66 -5.44
CA VAL C 43 3.63 -21.01 -4.97
C VAL C 43 4.59 -21.31 -3.82
N ILE C 44 4.19 -22.24 -2.95
CA ILE C 44 5.02 -22.59 -1.80
C ILE C 44 5.81 -23.87 -2.06
N ASN C 45 5.44 -24.60 -3.11
CA ASN C 45 6.12 -25.82 -3.53
C ASN C 45 6.28 -25.87 -5.04
N GLN C 46 7.49 -25.58 -5.52
CA GLN C 46 7.76 -25.46 -6.96
C GLN C 46 7.55 -26.76 -7.73
N LYS C 47 7.57 -27.88 -7.02
CA LYS C 47 7.46 -29.17 -7.68
C LYS C 47 6.08 -29.79 -7.47
N ASP C 48 5.16 -29.03 -6.90
CA ASP C 48 3.81 -29.54 -6.77
C ASP C 48 2.78 -28.47 -7.13
N TRP C 49 2.96 -27.88 -8.31
CA TRP C 49 1.91 -27.03 -8.85
C TRP C 49 1.78 -27.17 -10.34
N ILE C 50 0.65 -26.70 -10.85
CA ILE C 50 0.38 -26.73 -12.27
C ILE C 50 -0.42 -25.50 -12.69
N GLY C 51 -0.17 -25.02 -13.89
CA GLY C 51 -0.91 -23.91 -14.44
C GLY C 51 -1.71 -24.35 -15.65
N PHE C 52 -2.83 -23.68 -15.87
CA PHE C 52 -3.67 -23.90 -17.05
C PHE C 52 -3.89 -22.55 -17.74
N GLY C 53 -3.64 -22.49 -19.05
CA GLY C 53 -3.67 -21.19 -19.71
C GLY C 53 -3.71 -21.19 -21.23
N ASP C 54 -3.27 -20.07 -21.79
CA ASP C 54 -3.35 -19.82 -23.22
C ASP C 54 -2.02 -19.29 -23.75
N ALA C 55 -2.08 -18.50 -24.82
CA ALA C 55 -0.87 -17.94 -25.44
C ALA C 55 0.04 -17.21 -24.44
N ARG C 56 -0.56 -16.61 -23.41
CA ARG C 56 0.21 -15.82 -22.47
C ARG C 56 1.13 -16.66 -21.57
N THR C 57 0.99 -17.98 -21.62
CA THR C 57 1.92 -18.89 -20.95
C THR C 57 2.35 -20.05 -21.87
N ASP C 58 2.20 -19.87 -23.18
CA ASP C 58 2.53 -20.91 -24.15
C ASP C 58 3.92 -20.69 -24.74
N LEU C 59 4.88 -21.50 -24.29
CA LEU C 59 6.27 -21.31 -24.75
C LEU C 59 6.47 -21.67 -26.22
N THR C 60 5.47 -22.29 -26.84
CA THR C 60 5.59 -22.73 -28.22
C THR C 60 5.03 -21.70 -29.18
N ASN C 61 4.48 -20.63 -28.65
CA ASN C 61 4.04 -19.51 -29.49
C ASN C 61 5.24 -18.95 -30.29
N ASP C 62 4.97 -18.55 -31.53
CA ASP C 62 6.00 -18.03 -32.42
C ASP C 62 6.65 -16.76 -31.88
N GLN C 63 5.92 -15.99 -31.08
CA GLN C 63 6.44 -14.74 -30.57
C GLN C 63 6.96 -14.84 -29.13
N PHE C 64 7.14 -16.06 -28.63
CA PHE C 64 7.74 -16.25 -27.30
C PHE C 64 9.19 -15.76 -27.27
N PRO C 65 9.59 -15.08 -26.19
CA PRO C 65 8.84 -14.77 -24.96
C PRO C 65 8.11 -13.42 -24.95
N ALA C 66 8.12 -12.70 -26.07
CA ALA C 66 7.42 -11.41 -26.17
C ALA C 66 5.92 -11.56 -25.96
N SER C 67 5.39 -12.75 -26.25
CA SER C 67 3.95 -13.01 -26.12
C SER C 67 3.58 -13.65 -24.79
N SER C 68 4.54 -13.79 -23.90
CA SER C 68 4.33 -14.49 -22.64
C SER C 68 4.37 -13.56 -21.44
N ASP C 69 3.60 -13.88 -20.41
CA ASP C 69 3.63 -13.10 -19.19
C ASP C 69 4.45 -13.79 -18.12
N VAL C 70 5.13 -14.87 -18.50
CA VAL C 70 6.02 -15.62 -17.60
C VAL C 70 7.28 -16.06 -18.35
N PRO C 71 8.39 -16.23 -17.63
CA PRO C 71 9.62 -16.73 -18.25
C PRO C 71 9.55 -18.23 -18.54
N LEU C 72 10.43 -18.69 -19.43
CA LEU C 72 10.45 -20.07 -19.90
C LEU C 72 10.31 -21.11 -18.77
N ALA C 73 11.05 -20.93 -17.68
CA ALA C 73 11.05 -21.88 -16.57
C ALA C 73 9.67 -22.02 -15.90
N VAL C 74 8.90 -20.93 -15.86
CA VAL C 74 7.55 -20.98 -15.31
C VAL C 74 6.54 -21.49 -16.35
N ALA C 75 6.75 -21.12 -17.61
CA ALA C 75 5.87 -21.54 -18.68
C ALA C 75 5.85 -23.07 -18.84
N LYS C 76 6.97 -23.70 -18.49
CA LYS C 76 7.08 -25.16 -18.51
C LYS C 76 6.15 -25.84 -17.53
N LYS C 77 5.67 -25.07 -16.56
CA LYS C 77 4.80 -25.58 -15.52
C LYS C 77 3.33 -25.44 -15.90
N PHE C 78 3.06 -24.66 -16.95
CA PHE C 78 1.69 -24.47 -17.43
C PHE C 78 1.33 -25.50 -18.48
N ARG C 79 0.06 -25.89 -18.50
CA ARG C 79 -0.51 -26.60 -19.63
C ARG C 79 -1.31 -25.57 -20.43
N SER C 80 -0.75 -25.12 -21.55
CA SER C 80 -1.33 -24.00 -22.28
C SER C 80 -1.22 -24.18 -23.79
N LEU C 81 -2.12 -23.54 -24.52
CA LEU C 81 -2.04 -23.47 -25.97
C LEU C 81 -2.65 -22.15 -26.44
N SER C 82 -1.99 -21.49 -27.39
CA SER C 82 -2.48 -20.22 -27.92
C SER C 82 -3.90 -20.34 -28.48
N GLY C 83 -4.78 -19.41 -28.13
CA GLY C 83 -6.17 -19.44 -28.59
C GLY C 83 -7.10 -20.32 -27.77
N ALA C 84 -6.58 -20.95 -26.72
CA ALA C 84 -7.35 -21.93 -25.94
C ALA C 84 -7.95 -21.36 -24.67
N SER C 85 -8.96 -22.06 -24.14
CA SER C 85 -9.55 -21.74 -22.84
C SER C 85 -10.31 -22.98 -22.37
N LEU C 86 -10.51 -23.11 -21.06
CA LEU C 86 -11.24 -24.25 -20.52
C LEU C 86 -12.64 -24.33 -21.12
N MET C 87 -13.27 -23.17 -21.28
CA MET C 87 -14.67 -23.15 -21.75
C MET C 87 -14.77 -23.55 -23.21
N LEU C 88 -13.77 -23.18 -24.00
CA LEU C 88 -13.72 -23.59 -25.38
C LEU C 88 -13.63 -25.10 -25.50
N SER C 89 -12.80 -25.73 -24.68
CA SER C 89 -12.65 -27.19 -24.72
C SER C 89 -13.91 -27.90 -24.20
N ALA C 90 -14.60 -27.25 -23.26
CA ALA C 90 -15.85 -27.77 -22.70
C ALA C 90 -16.92 -27.95 -23.78
N PHE C 91 -17.03 -26.99 -24.68
CA PHE C 91 -18.09 -27.00 -25.69
C PHE C 91 -17.56 -27.33 -27.08
N GLY C 92 -16.29 -27.04 -27.32
CA GLY C 92 -15.69 -27.16 -28.64
C GLY C 92 -16.48 -26.46 -29.73
N PRO C 93 -16.64 -25.13 -29.64
CA PRO C 93 -17.36 -24.44 -30.71
C PRO C 93 -16.66 -24.58 -32.05
N PRO C 94 -17.41 -24.54 -33.17
CA PRO C 94 -16.83 -24.68 -34.52
C PRO C 94 -15.69 -23.70 -34.80
N GLY C 95 -14.53 -24.23 -35.17
CA GLY C 95 -13.43 -23.43 -35.66
C GLY C 95 -12.56 -22.85 -34.57
N LYS C 96 -12.81 -23.24 -33.32
CA LYS C 96 -12.05 -22.71 -32.20
C LYS C 96 -11.01 -23.72 -31.72
N VAL C 97 -9.92 -23.21 -31.15
CA VAL C 97 -8.89 -24.08 -30.57
C VAL C 97 -9.51 -24.99 -29.49
N ASP C 98 -9.08 -26.24 -29.49
CA ASP C 98 -9.66 -27.26 -28.65
C ASP C 98 -8.53 -27.99 -27.95
N TYR C 99 -8.00 -27.38 -26.90
CA TYR C 99 -6.85 -27.93 -26.18
C TYR C 99 -7.26 -28.88 -25.07
N LEU C 100 -6.66 -30.06 -25.05
CA LEU C 100 -6.95 -31.04 -24.00
C LEU C 100 -6.17 -30.70 -22.73
N TYR C 101 -6.75 -29.86 -21.88
CA TYR C 101 -6.15 -29.50 -20.61
C TYR C 101 -6.10 -30.68 -19.66
N GLN C 102 -4.91 -31.00 -19.18
CA GLN C 102 -4.76 -32.07 -18.20
C GLN C 102 -3.52 -31.87 -17.35
N GLY C 103 -3.58 -32.34 -16.10
CA GLY C 103 -2.40 -32.36 -15.27
C GLY C 103 -2.69 -32.31 -13.78
N CYS C 104 -1.62 -32.31 -12.98
CA CYS C 104 -1.71 -32.46 -11.53
C CYS C 104 -0.85 -31.45 -10.80
N GLY C 105 -1.33 -31.00 -9.64
CA GLY C 105 -0.58 -30.12 -8.77
C GLY C 105 -1.48 -29.66 -7.64
N LYS C 106 -1.01 -29.75 -6.40
CA LYS C 106 -1.82 -29.33 -5.24
C LYS C 106 -2.15 -27.85 -5.32
N GLU C 107 -1.16 -27.07 -5.77
CA GLU C 107 -1.40 -25.67 -6.07
C GLU C 107 -1.73 -25.53 -7.55
N LYS C 108 -2.78 -24.77 -7.86
CA LYS C 108 -3.19 -24.58 -9.25
C LYS C 108 -3.29 -23.10 -9.63
N VAL C 109 -2.87 -22.78 -10.85
CA VAL C 109 -3.01 -21.42 -11.38
C VAL C 109 -3.84 -21.42 -12.67
N PHE C 110 -5.01 -20.80 -12.60
CA PHE C 110 -5.88 -20.67 -13.77
C PHE C 110 -5.70 -19.31 -14.43
N TYR C 111 -5.00 -19.30 -15.56
CA TYR C 111 -4.76 -18.07 -16.31
C TYR C 111 -5.24 -18.24 -17.74
N GLU C 112 -6.55 -18.42 -17.88
CA GLU C 112 -7.18 -18.68 -19.17
C GLU C 112 -8.60 -18.11 -19.08
N GLY C 113 -9.25 -17.93 -20.21
CA GLY C 113 -10.65 -17.54 -20.19
C GLY C 113 -10.98 -16.54 -21.27
N VAL C 114 -10.02 -15.69 -21.61
CA VAL C 114 -10.22 -14.57 -22.52
C VAL C 114 -10.53 -15.00 -23.96
N ASN C 115 -10.13 -16.21 -24.33
CA ASN C 115 -10.36 -16.68 -25.70
C ASN C 115 -11.80 -17.04 -26.03
N TRP C 116 -12.66 -17.10 -25.01
CA TRP C 116 -14.11 -17.07 -25.22
C TRP C 116 -14.68 -15.93 -24.38
N SER C 117 -14.72 -14.75 -24.98
CA SER C 117 -15.27 -13.54 -24.39
C SER C 117 -16.28 -13.04 -25.41
N PRO C 118 -17.06 -11.98 -25.08
CA PRO C 118 -18.00 -11.47 -26.10
C PRO C 118 -17.33 -11.20 -27.45
N GLU C 119 -16.04 -10.86 -27.42
CA GLU C 119 -15.26 -10.54 -28.61
C GLU C 119 -15.28 -11.69 -29.62
N ALA C 120 -15.35 -12.91 -29.09
CA ALA C 120 -15.36 -14.13 -29.91
C ALA C 120 -16.57 -14.18 -30.84
N GLY C 121 -17.67 -13.57 -30.41
CA GLY C 121 -18.87 -13.48 -31.22
C GLY C 121 -19.52 -14.80 -31.55
N ILE C 122 -19.34 -15.79 -30.67
CA ILE C 122 -19.92 -17.10 -30.88
C ILE C 122 -21.40 -17.07 -30.52
N ASP C 123 -22.24 -17.30 -31.52
CA ASP C 123 -23.70 -17.30 -31.31
C ASP C 123 -24.17 -18.68 -30.83
N CYS C 124 -24.46 -19.56 -31.79
CA CYS C 124 -24.86 -20.94 -31.51
C CYS C 124 -26.04 -20.99 -30.56
N PHE C 125 -26.97 -20.06 -30.74
CA PHE C 125 -28.22 -20.00 -29.97
C PHE C 125 -28.02 -19.62 -28.50
N GLY C 126 -26.80 -19.22 -28.14
CA GLY C 126 -26.47 -18.94 -26.75
C GLY C 126 -27.32 -17.87 -26.09
N SER C 127 -27.97 -18.22 -24.98
CA SER C 127 -28.82 -17.27 -24.27
C SER C 127 -27.97 -16.11 -23.77
N ASN C 128 -26.95 -16.45 -22.99
CA ASN C 128 -26.00 -15.47 -22.45
C ASN C 128 -24.73 -16.21 -22.06
N TRP C 129 -23.77 -16.25 -22.97
CA TRP C 129 -22.56 -17.06 -22.78
C TRP C 129 -21.76 -16.61 -21.57
N THR C 130 -21.79 -15.31 -21.28
CA THR C 130 -21.12 -14.74 -20.11
C THR C 130 -21.66 -15.38 -18.83
N GLN C 131 -22.97 -15.60 -18.80
CA GLN C 131 -23.59 -16.27 -17.66
C GLN C 131 -23.12 -17.72 -17.59
N THR C 132 -23.16 -18.40 -18.74
CA THR C 132 -22.65 -19.76 -18.86
C THR C 132 -21.19 -19.82 -18.38
N LYS C 133 -20.39 -18.86 -18.84
CA LYS C 133 -18.98 -18.75 -18.48
C LYS C 133 -18.78 -18.72 -16.97
N LYS C 134 -19.46 -17.77 -16.33
CA LYS C 134 -19.44 -17.62 -14.88
C LYS C 134 -19.82 -18.93 -14.17
N ASP C 135 -20.91 -19.55 -14.63
CA ASP C 135 -21.40 -20.79 -14.05
C ASP C 135 -20.42 -21.94 -14.23
N PHE C 136 -19.88 -22.04 -15.44
CA PHE C 136 -18.92 -23.08 -15.77
C PHE C 136 -17.67 -22.95 -14.92
N TYR C 137 -17.10 -21.74 -14.89
CA TYR C 137 -15.86 -21.57 -14.17
C TYR C 137 -16.09 -21.72 -12.67
N SER C 138 -17.30 -21.41 -12.22
CA SER C 138 -17.65 -21.57 -10.81
C SER C 138 -17.54 -23.03 -10.42
N ARG C 139 -18.15 -23.90 -11.22
CA ARG C 139 -18.11 -25.35 -10.96
C ARG C 139 -16.69 -25.90 -11.04
N ILE C 140 -15.94 -25.48 -12.05
CA ILE C 140 -14.52 -25.83 -12.18
C ILE C 140 -13.72 -25.46 -10.93
N TYR C 141 -13.81 -24.20 -10.50
CA TYR C 141 -13.01 -23.73 -9.37
C TYR C 141 -13.38 -24.50 -8.09
N GLU C 142 -14.67 -24.74 -7.91
CA GLU C 142 -15.17 -25.40 -6.71
C GLU C 142 -14.76 -26.87 -6.70
N ALA C 143 -14.76 -27.50 -7.87
CA ALA C 143 -14.30 -28.88 -7.97
C ALA C 143 -12.78 -28.95 -7.84
N ALA C 144 -12.08 -27.98 -8.41
CA ALA C 144 -10.62 -27.98 -8.40
C ALA C 144 -10.03 -27.86 -6.99
N ARG C 145 -10.71 -27.12 -6.11
CA ARG C 145 -10.20 -26.84 -4.76
C ARG C 145 -9.93 -28.14 -3.98
N SER C 146 -10.72 -29.17 -4.24
CA SER C 146 -10.62 -30.43 -3.51
C SER C 146 -9.90 -31.56 -4.27
N SER C 147 -9.36 -31.27 -5.46
CA SER C 147 -8.62 -32.29 -6.21
C SER C 147 -7.18 -31.94 -6.44
N THR C 148 -6.38 -32.96 -6.71
CA THR C 148 -4.99 -32.80 -7.08
C THR C 148 -4.86 -32.58 -8.59
N CYS C 149 -5.82 -33.11 -9.35
CA CYS C 149 -5.69 -33.19 -10.79
C CYS C 149 -6.93 -32.72 -11.53
N MET C 150 -6.74 -32.38 -12.80
CA MET C 150 -7.85 -32.06 -13.67
C MET C 150 -7.54 -32.57 -15.07
N THR C 151 -8.57 -33.00 -15.76
CA THR C 151 -8.45 -33.31 -17.17
C THR C 151 -9.78 -33.11 -17.88
N LEU C 152 -9.71 -32.58 -19.08
CA LEU C 152 -10.81 -32.65 -20.01
C LEU C 152 -11.14 -34.13 -20.25
N VAL C 153 -12.42 -34.46 -20.28
CA VAL C 153 -12.86 -35.73 -20.83
C VAL C 153 -13.51 -35.39 -22.17
N ASN C 154 -12.82 -35.73 -23.25
CA ASN C 154 -13.15 -35.17 -24.55
C ASN C 154 -14.19 -35.99 -25.31
N SER C 155 -14.54 -37.16 -24.76
CA SER C 155 -15.63 -37.95 -25.34
C SER C 155 -16.29 -38.85 -24.29
N LEU C 156 -17.49 -38.48 -23.87
CA LEU C 156 -18.33 -39.34 -23.03
C LEU C 156 -19.05 -40.39 -23.87
N ASP C 157 -19.18 -41.60 -23.35
CA ASP C 157 -19.98 -42.60 -24.03
C ASP C 157 -21.45 -42.17 -24.07
N THR C 158 -22.03 -42.14 -25.25
CA THR C 158 -23.41 -41.72 -25.39
C THR C 158 -24.21 -42.65 -26.30
N LYS C 159 -25.49 -42.86 -25.98
CA LYS C 159 -26.38 -43.65 -26.82
C LYS C 159 -27.79 -43.07 -26.80
N ILE C 160 -28.32 -42.73 -27.98
CA ILE C 160 -29.68 -42.22 -28.07
C ILE C 160 -30.63 -43.34 -28.49
N SER C 161 -31.92 -43.13 -28.24
CA SER C 161 -32.94 -44.13 -28.56
C SER C 161 -33.31 -44.15 -30.04
N SER C 162 -33.42 -42.97 -30.61
CA SER C 162 -33.89 -42.82 -31.97
C SER C 162 -32.92 -43.41 -32.99
N THR C 163 -33.49 -43.87 -34.11
CA THR C 163 -32.71 -44.40 -35.23
C THR C 163 -32.88 -43.51 -36.44
N THR C 164 -33.74 -42.51 -36.33
CA THR C 164 -33.95 -41.55 -37.41
C THR C 164 -33.38 -40.16 -37.10
N ALA C 165 -33.13 -39.88 -35.83
CA ALA C 165 -32.66 -38.56 -35.43
C ALA C 165 -31.28 -38.29 -36.00
N THR C 166 -31.06 -37.05 -36.44
CA THR C 166 -29.79 -36.66 -37.05
C THR C 166 -29.13 -35.51 -36.32
N ALA C 167 -27.82 -35.36 -36.51
CA ALA C 167 -27.06 -34.27 -35.93
C ALA C 167 -27.63 -32.94 -36.34
N GLY C 168 -28.05 -32.14 -35.37
CA GLY C 168 -28.58 -30.83 -35.64
C GLY C 168 -27.52 -29.92 -36.25
N THR C 169 -27.96 -28.91 -36.98
CA THR C 169 -27.06 -27.96 -37.60
C THR C 169 -27.70 -26.58 -37.65
N ALA C 170 -26.88 -25.53 -37.68
CA ALA C 170 -27.42 -24.19 -37.48
C ALA C 170 -26.57 -23.13 -38.15
N SER C 171 -27.24 -22.18 -38.80
CA SER C 171 -26.58 -21.04 -39.45
C SER C 171 -25.75 -20.25 -38.45
N SER C 172 -26.32 -20.05 -37.27
CA SER C 172 -25.72 -19.18 -36.27
C SER C 172 -24.62 -19.88 -35.47
N CYS C 173 -24.29 -21.10 -35.88
CA CYS C 173 -23.19 -21.84 -35.26
C CYS C 173 -22.29 -22.34 -36.38
N SER C 174 -21.93 -21.42 -37.27
CA SER C 174 -21.01 -21.67 -38.39
C SER C 174 -21.42 -22.88 -39.23
N SER C 175 -22.72 -23.04 -39.45
CA SER C 175 -23.29 -24.13 -40.25
C SER C 175 -22.96 -25.52 -39.71
N SER C 176 -22.79 -25.62 -38.39
CA SER C 176 -22.74 -26.91 -37.72
C SER C 176 -23.06 -26.72 -36.24
N TRP C 177 -22.33 -27.42 -35.37
CA TRP C 177 -22.65 -27.38 -33.96
C TRP C 177 -21.45 -27.66 -33.05
N MET C 178 -21.61 -27.37 -31.76
CA MET C 178 -20.60 -27.65 -30.72
C MET C 178 -20.19 -29.12 -30.72
N LYS C 179 -19.02 -29.41 -30.17
CA LYS C 179 -18.64 -30.78 -29.90
C LYS C 179 -19.48 -31.31 -28.74
N SER C 180 -19.83 -30.41 -27.82
CA SER C 180 -20.64 -30.73 -26.66
C SER C 180 -21.49 -29.52 -26.26
N PRO C 181 -22.81 -29.72 -26.07
CA PRO C 181 -23.54 -30.99 -26.17
C PRO C 181 -23.79 -31.43 -27.59
N LEU C 182 -23.99 -32.73 -27.78
CA LEU C 182 -24.51 -33.22 -29.06
C LEU C 182 -25.95 -32.78 -29.21
N TRP C 183 -26.29 -32.28 -30.39
CA TRP C 183 -27.64 -31.85 -30.71
C TRP C 183 -28.27 -32.82 -31.69
N TYR C 184 -29.40 -33.42 -31.33
CA TYR C 184 -30.04 -34.40 -32.21
C TYR C 184 -31.41 -33.92 -32.68
N ALA C 185 -31.57 -33.89 -33.99
CA ALA C 185 -32.79 -33.39 -34.60
C ALA C 185 -33.57 -34.50 -35.29
N GLU C 186 -34.87 -34.59 -34.98
CA GLU C 186 -35.75 -35.52 -35.65
C GLU C 186 -36.29 -34.89 -36.93
N SER C 187 -35.68 -35.25 -38.06
CA SER C 187 -35.97 -34.65 -39.36
C SER C 187 -37.42 -34.87 -39.80
N SER C 188 -38.08 -35.85 -39.20
CA SER C 188 -39.41 -36.25 -39.62
C SER C 188 -40.55 -35.48 -38.94
N VAL C 189 -40.29 -34.94 -37.76
CA VAL C 189 -41.31 -34.19 -37.02
C VAL C 189 -41.70 -32.90 -37.74
N ASN C 190 -42.99 -32.66 -37.93
CA ASN C 190 -43.46 -31.50 -38.70
C ASN C 190 -44.93 -31.12 -38.42
N PRO C 191 -45.15 -30.17 -37.49
CA PRO C 191 -46.49 -29.66 -37.19
C PRO C 191 -46.91 -28.51 -38.09
N PRO C 195 -48.78 -29.95 -41.04
CA PRO C 195 -49.19 -31.33 -41.25
C PRO C 195 -49.41 -32.20 -39.96
N GLN C 196 -49.36 -33.54 -40.07
CA GLN C 196 -49.79 -34.47 -38.99
C GLN C 196 -48.65 -35.07 -38.09
N VAL C 197 -47.38 -34.93 -38.47
CA VAL C 197 -46.34 -35.80 -37.86
C VAL C 197 -45.65 -35.22 -36.62
N CYS C 198 -45.91 -35.82 -35.47
CA CYS C 198 -45.42 -35.28 -34.19
C CYS C 198 -44.35 -36.16 -33.55
N GLY C 199 -44.27 -37.40 -33.98
CA GLY C 199 -43.18 -38.28 -33.58
C GLY C 199 -43.14 -38.73 -32.13
N THR C 200 -42.08 -39.47 -31.80
CA THR C 200 -41.92 -40.10 -30.49
C THR C 200 -40.87 -39.42 -29.63
N GLU C 201 -41.18 -39.30 -28.32
CA GLU C 201 -40.26 -38.79 -27.32
C GLU C 201 -38.85 -39.35 -27.51
N GLN C 202 -37.85 -38.49 -27.41
CA GLN C 202 -36.48 -38.94 -27.55
C GLN C 202 -35.86 -39.30 -26.20
N SER C 203 -34.93 -40.25 -26.24
CA SER C 203 -34.26 -40.72 -25.04
C SER C 203 -32.78 -40.92 -25.33
N ALA C 204 -31.96 -40.86 -24.29
CA ALA C 204 -30.52 -41.01 -24.45
C ALA C 204 -29.91 -41.36 -23.11
N THR C 205 -28.69 -41.87 -23.13
CA THR C 205 -27.89 -41.96 -21.92
C THR C 205 -26.49 -41.44 -22.19
N PHE C 206 -25.86 -40.91 -21.14
CA PHE C 206 -24.45 -40.54 -21.21
C PHE C 206 -23.76 -40.99 -19.93
N THR C 207 -22.53 -41.44 -20.07
CA THR C 207 -21.80 -42.05 -18.97
C THR C 207 -20.63 -41.19 -18.51
N LEU C 208 -20.61 -40.87 -17.22
CA LEU C 208 -19.49 -40.19 -16.61
C LEU C 208 -18.58 -41.24 -16.00
N PRO C 209 -17.39 -41.41 -16.59
CA PRO C 209 -16.48 -42.53 -16.26
C PRO C 209 -15.82 -42.36 -14.90
N THR C 210 -15.33 -43.47 -14.35
CA THR C 210 -14.66 -43.44 -13.05
C THR C 210 -13.19 -43.07 -13.19
N SER C 211 -12.74 -42.99 -14.44
CA SER C 211 -11.36 -42.63 -14.75
C SER C 211 -11.24 -42.16 -16.20
N PHE C 212 -10.18 -41.44 -16.50
CA PHE C 212 -9.88 -41.04 -17.86
C PHE C 212 -8.37 -41.06 -18.07
N GLY C 213 -7.89 -42.05 -18.81
CA GLY C 213 -6.48 -42.31 -18.93
C GLY C 213 -5.94 -42.58 -17.54
N ILE C 214 -4.88 -41.86 -17.17
CA ILE C 214 -4.23 -41.99 -15.86
C ILE C 214 -4.98 -41.25 -14.75
N TYR C 215 -5.92 -40.39 -15.13
CA TYR C 215 -6.61 -39.59 -14.13
C TYR C 215 -7.79 -40.31 -13.51
N LYS C 216 -7.91 -40.19 -12.19
CA LYS C 216 -9.04 -40.73 -11.45
C LYS C 216 -10.15 -39.71 -11.36
N CYS C 217 -11.37 -40.14 -11.64
CA CYS C 217 -12.53 -39.24 -11.56
C CYS C 217 -13.44 -39.58 -10.38
N ASN C 218 -13.47 -38.72 -9.37
CA ASN C 218 -14.47 -38.82 -8.32
C ASN C 218 -15.62 -37.85 -8.57
N LYS C 219 -15.33 -36.80 -9.33
CA LYS C 219 -16.30 -35.74 -9.65
C LYS C 219 -16.16 -35.33 -11.12
N HIS C 220 -17.26 -34.87 -11.71
CA HIS C 220 -17.29 -34.40 -13.09
C HIS C 220 -18.01 -33.07 -13.17
N VAL C 221 -17.45 -32.12 -13.93
CA VAL C 221 -18.17 -30.89 -14.26
C VAL C 221 -18.78 -31.04 -15.66
N VAL C 222 -20.10 -30.95 -15.73
CA VAL C 222 -20.81 -31.12 -17.00
C VAL C 222 -21.84 -30.01 -17.16
N GLN C 223 -22.34 -29.86 -18.38
CA GLN C 223 -23.42 -28.93 -18.63
C GLN C 223 -24.69 -29.70 -18.94
N LEU C 224 -25.80 -29.24 -18.34
CA LEU C 224 -27.09 -29.84 -18.59
C LEU C 224 -27.96 -28.87 -19.39
N CYS C 225 -27.71 -28.82 -20.70
CA CYS C 225 -28.31 -27.79 -21.55
C CYS C 225 -29.76 -28.11 -21.88
N TYR C 226 -30.49 -27.10 -22.33
CA TYR C 226 -31.89 -27.23 -22.71
C TYR C 226 -32.24 -26.01 -23.54
N PHE C 227 -33.20 -26.13 -24.46
CA PHE C 227 -33.61 -24.98 -25.25
C PHE C 227 -34.63 -24.15 -24.48
N VAL C 228 -34.64 -22.85 -24.73
CA VAL C 228 -35.62 -21.96 -24.13
C VAL C 228 -36.47 -21.36 -25.24
N TYR C 229 -37.79 -21.51 -25.11
CA TYR C 229 -38.72 -21.00 -26.13
C TYR C 229 -39.59 -19.89 -25.58
N GLU C 230 -39.98 -18.96 -26.46
CA GLU C 230 -40.82 -17.84 -26.06
C GLU C 230 -42.19 -18.33 -25.61
N ASN C 231 -42.76 -19.26 -26.36
CA ASN C 231 -44.11 -19.71 -26.05
C ASN C 231 -44.42 -21.12 -26.52
N LYS C 232 -45.60 -21.58 -26.11
CA LYS C 232 -46.18 -22.85 -26.48
C LYS C 232 -46.46 -22.92 -27.98
N ALA C 233 -46.58 -21.75 -28.60
CA ALA C 233 -47.04 -21.64 -29.99
C ALA C 233 -45.91 -21.59 -31.02
N LYS C 234 -44.89 -20.79 -30.75
CA LYS C 234 -43.76 -20.71 -31.69
C LYS C 234 -42.91 -21.97 -31.58
N PHE C 235 -43.00 -22.66 -30.44
CA PHE C 235 -42.38 -23.97 -30.35
C PHE C 235 -43.03 -24.93 -31.34
N ASN C 236 -44.34 -24.78 -31.50
CA ASN C 236 -45.12 -25.65 -32.38
C ASN C 236 -44.77 -25.47 -33.86
N THR C 237 -43.81 -24.59 -34.13
CA THR C 237 -43.24 -24.45 -35.46
C THR C 237 -42.30 -25.62 -35.75
N PHE C 238 -41.80 -26.24 -34.69
CA PHE C 238 -40.87 -27.36 -34.82
C PHE C 238 -41.38 -28.63 -34.15
N GLY C 239 -41.94 -28.49 -32.96
CA GLY C 239 -42.38 -29.64 -32.20
C GLY C 239 -43.83 -29.59 -31.78
N CYS C 240 -44.49 -30.75 -31.79
CA CYS C 240 -45.86 -30.84 -31.33
C CYS C 240 -45.86 -30.91 -29.81
N GLY C 241 -46.99 -30.52 -29.22
CA GLY C 241 -47.11 -30.50 -27.78
C GLY C 241 -46.18 -29.46 -27.22
N ASP C 242 -45.67 -29.72 -26.02
CA ASP C 242 -44.81 -28.77 -25.34
C ASP C 242 -43.34 -29.13 -25.47
N TYR C 243 -42.48 -28.20 -25.08
CA TYR C 243 -41.05 -28.49 -25.04
C TYR C 243 -40.66 -29.05 -23.68
N TYR C 244 -39.88 -30.12 -23.67
CA TYR C 244 -39.23 -30.55 -22.44
C TYR C 244 -37.89 -31.20 -22.76
N GLN C 245 -36.99 -31.12 -21.78
CA GLN C 245 -35.69 -31.79 -21.86
C GLN C 245 -35.28 -32.07 -20.44
N ASN C 246 -35.49 -33.31 -20.00
CA ASN C 246 -35.23 -33.68 -18.62
C ASN C 246 -34.02 -34.61 -18.48
N TYR C 247 -33.32 -34.48 -17.36
CA TYR C 247 -32.13 -35.24 -17.05
C TYR C 247 -32.35 -36.06 -15.80
N TYR C 248 -31.94 -37.33 -15.82
CA TYR C 248 -32.16 -38.20 -14.67
C TYR C 248 -30.89 -38.95 -14.26
N ASP C 249 -30.75 -39.20 -12.97
CA ASP C 249 -29.69 -40.09 -12.48
C ASP C 249 -30.14 -41.55 -12.60
N GLY C 250 -29.29 -42.47 -12.13
CA GLY C 250 -29.55 -43.89 -12.23
C GLY C 250 -30.83 -44.38 -11.58
N ASN C 251 -31.28 -43.67 -10.54
CA ASN C 251 -32.47 -44.07 -9.78
C ASN C 251 -33.77 -43.55 -10.37
N GLY C 252 -33.71 -42.40 -11.03
CA GLY C 252 -34.89 -41.84 -11.66
C GLY C 252 -35.13 -40.39 -11.27
N ASN C 253 -34.23 -39.86 -10.44
CA ASN C 253 -34.35 -38.49 -9.95
C ASN C 253 -34.04 -37.44 -11.02
N LEU C 254 -34.90 -36.43 -11.10
CA LEU C 254 -34.65 -35.27 -11.95
C LEU C 254 -33.43 -34.51 -11.41
N ILE C 255 -32.54 -34.08 -12.30
CA ILE C 255 -31.33 -33.37 -11.87
C ILE C 255 -31.06 -32.12 -12.69
N GLY C 256 -31.86 -31.91 -13.74
CA GLY C 256 -31.67 -30.75 -14.56
C GLY C 256 -32.55 -30.71 -15.79
N GLY C 257 -32.39 -29.66 -16.59
CA GLY C 257 -33.17 -29.48 -17.80
C GLY C 257 -34.28 -28.46 -17.62
N MET C 258 -35.17 -28.39 -18.61
CA MET C 258 -36.39 -27.61 -18.52
C MET C 258 -37.61 -28.35 -19.08
N ASP C 259 -38.64 -28.45 -18.26
CA ASP C 259 -39.86 -29.19 -18.55
C ASP C 259 -41.05 -28.24 -18.71
N ASN C 260 -41.41 -27.88 -19.94
CA ASN C 260 -42.52 -26.93 -20.13
C ASN C 260 -43.90 -27.58 -20.06
N ARG C 261 -44.06 -28.52 -19.14
CA ARG C 261 -45.35 -29.12 -18.83
C ARG C 261 -45.57 -29.01 -17.32
N VAL C 262 -44.81 -28.10 -16.70
CA VAL C 262 -44.82 -27.94 -15.26
C VAL C 262 -44.13 -26.61 -14.95
N ALA C 263 -43.57 -26.01 -16.00
CA ALA C 263 -42.82 -24.77 -15.89
C ALA C 263 -43.14 -23.85 -17.05
N ALA C 264 -43.30 -22.57 -16.76
CA ALA C 264 -43.70 -21.60 -17.76
C ALA C 264 -42.63 -21.41 -18.83
N TYR C 265 -43.07 -21.11 -20.04
CA TYR C 265 -42.17 -20.63 -21.07
C TYR C 265 -41.65 -19.24 -20.69
N ARG C 266 -40.42 -19.15 -20.22
CA ARG C 266 -39.80 -17.84 -20.06
C ARG C 266 -39.05 -17.54 -21.35
N GLY C 267 -37.91 -16.87 -21.27
CA GLY C 267 -37.13 -16.62 -22.46
C GLY C 267 -37.58 -15.40 -23.25
N ILE C 268 -36.85 -14.30 -23.03
CA ILE C 268 -37.09 -12.98 -23.63
C ILE C 268 -37.89 -12.97 -24.93
N ALA C 269 -38.95 -12.17 -24.95
CA ALA C 269 -39.92 -12.13 -26.05
C ALA C 269 -39.29 -11.84 -27.41
N ASN C 270 -39.77 -12.54 -28.43
CA ASN C 270 -39.31 -12.38 -29.83
C ASN C 270 -37.81 -12.59 -30.08
N ALA C 271 -37.07 -12.97 -29.05
CA ALA C 271 -35.64 -13.24 -29.17
C ALA C 271 -35.37 -14.44 -30.06
N GLY C 272 -36.38 -15.30 -30.24
CA GLY C 272 -36.20 -16.56 -30.94
C GLY C 272 -35.85 -17.66 -29.96
N VAL C 273 -35.33 -18.77 -30.46
CA VAL C 273 -34.96 -19.87 -29.57
C VAL C 273 -33.53 -19.68 -29.06
N LYS C 274 -33.32 -19.93 -27.77
CA LYS C 274 -32.00 -19.86 -27.19
C LYS C 274 -31.66 -21.17 -26.49
N ILE C 275 -30.40 -21.28 -26.06
CA ILE C 275 -29.95 -22.44 -25.29
C ILE C 275 -29.29 -21.95 -24.00
N GLU C 276 -29.62 -22.57 -22.87
CA GLU C 276 -28.94 -22.29 -21.61
C GLU C 276 -28.13 -23.52 -21.23
N CYS C 277 -26.97 -23.30 -20.64
CA CYS C 277 -26.05 -24.40 -20.37
C CYS C 277 -25.44 -24.32 -18.98
N PRO C 278 -26.28 -24.48 -17.94
CA PRO C 278 -25.72 -24.44 -16.58
C PRO C 278 -24.79 -25.60 -16.34
N SER C 279 -23.72 -25.35 -15.60
CA SER C 279 -22.82 -26.42 -15.26
C SER C 279 -23.21 -27.01 -13.92
N LYS C 280 -23.00 -28.31 -13.80
CA LYS C 280 -23.34 -29.06 -12.60
C LYS C 280 -22.20 -29.98 -12.21
N ILE C 281 -22.01 -30.18 -10.91
CA ILE C 281 -21.02 -31.14 -10.44
C ILE C 281 -21.70 -32.48 -10.21
N LEU C 282 -21.24 -33.49 -10.93
CA LEU C 282 -21.91 -34.79 -10.96
C LEU C 282 -20.93 -35.90 -10.60
N ASN C 283 -21.45 -36.96 -9.99
CA ASN C 283 -20.66 -38.15 -9.69
C ASN C 283 -20.54 -39.02 -10.93
N PRO C 284 -19.50 -39.84 -10.99
CA PRO C 284 -19.42 -40.82 -12.08
C PRO C 284 -20.63 -41.73 -12.04
N GLY C 285 -21.16 -42.09 -13.22
CA GLY C 285 -22.31 -42.97 -13.31
C GLY C 285 -22.95 -42.87 -14.68
N THR C 286 -24.11 -43.49 -14.84
CA THR C 286 -24.83 -43.38 -16.10
C THR C 286 -26.11 -42.53 -15.90
N TYR C 287 -26.35 -41.62 -16.84
CA TYR C 287 -27.45 -40.67 -16.67
C TYR C 287 -28.40 -40.75 -17.86
N SER C 288 -29.67 -40.50 -17.60
CA SER C 288 -30.70 -40.62 -18.63
C SER C 288 -31.20 -39.26 -19.06
N ILE C 289 -31.75 -39.20 -20.27
CA ILE C 289 -32.35 -37.98 -20.79
C ILE C 289 -33.68 -38.31 -21.48
N LYS C 290 -34.69 -37.46 -21.27
CA LYS C 290 -35.93 -37.51 -22.03
C LYS C 290 -36.16 -36.13 -22.66
N SER C 291 -36.55 -36.10 -23.94
CA SER C 291 -36.87 -34.82 -24.57
C SER C 291 -37.96 -34.96 -25.62
N THR C 292 -38.59 -33.82 -25.95
CA THR C 292 -39.56 -33.71 -27.02
C THR C 292 -39.00 -34.35 -28.29
N PRO C 293 -39.85 -35.04 -29.06
CA PRO C 293 -39.43 -35.83 -30.22
C PRO C 293 -38.46 -35.09 -31.15
N ARG C 294 -38.73 -33.81 -31.33
CA ARG C 294 -38.02 -32.97 -32.29
C ARG C 294 -36.54 -32.73 -31.97
N PHE C 295 -36.25 -32.37 -30.72
CA PHE C 295 -34.91 -31.95 -30.32
C PHE C 295 -34.40 -32.68 -29.09
N LEU C 296 -33.16 -33.16 -29.19
CA LEU C 296 -32.48 -33.81 -28.08
C LEU C 296 -31.09 -33.22 -27.91
N LEU C 297 -30.73 -32.90 -26.67
CA LEU C 297 -29.38 -32.43 -26.35
C LEU C 297 -28.69 -33.44 -25.42
N VAL C 298 -27.47 -33.82 -25.77
CA VAL C 298 -26.73 -34.82 -24.98
C VAL C 298 -25.34 -34.30 -24.62
N PRO C 299 -25.04 -34.25 -23.31
CA PRO C 299 -23.69 -33.83 -22.90
C PRO C 299 -22.65 -34.80 -23.45
N LYS C 300 -21.50 -34.29 -23.90
CA LYS C 300 -20.56 -35.11 -24.65
C LYS C 300 -19.13 -34.92 -24.11
N ARG C 301 -18.96 -33.95 -23.23
CA ARG C 301 -17.68 -33.74 -22.56
C ARG C 301 -17.85 -33.45 -21.08
N SER C 302 -16.75 -33.50 -20.34
CA SER C 302 -16.77 -33.09 -18.95
C SER C 302 -15.37 -32.68 -18.54
N TYR C 303 -15.24 -32.24 -17.29
CA TYR C 303 -13.92 -32.13 -16.69
C TYR C 303 -13.85 -33.07 -15.49
N CYS C 304 -12.83 -33.89 -15.49
CA CYS C 304 -12.70 -34.94 -14.49
C CYS C 304 -11.81 -34.50 -13.34
N PHE C 305 -12.32 -34.60 -12.12
CA PHE C 305 -11.59 -34.24 -10.92
C PHE C 305 -11.57 -35.41 -9.94
N ASP C 306 -10.51 -35.48 -9.13
CA ASP C 306 -10.44 -36.44 -8.04
C ASP C 306 -10.84 -35.76 -6.74
N THR C 307 -10.75 -36.49 -5.62
CA THR C 307 -11.01 -35.90 -4.32
C THR C 307 -9.87 -36.22 -3.35
N ASP C 308 -8.65 -36.24 -3.87
CA ASP C 308 -7.47 -36.51 -3.05
C ASP C 308 -6.96 -35.24 -2.37
N GLY C 309 -7.74 -34.18 -2.42
CA GLY C 309 -7.38 -32.95 -1.75
C GLY C 309 -6.53 -32.02 -2.60
N GLY C 310 -6.60 -30.73 -2.27
CA GLY C 310 -5.77 -29.71 -2.92
C GLY C 310 -5.76 -28.44 -2.10
N TYR C 311 -4.95 -27.48 -2.53
CA TYR C 311 -4.88 -26.18 -1.88
C TYR C 311 -5.92 -25.21 -2.46
N PRO C 312 -6.17 -24.08 -1.77
CA PRO C 312 -6.89 -22.99 -2.43
C PRO C 312 -6.24 -22.63 -3.76
N ILE C 313 -7.06 -22.38 -4.77
CA ILE C 313 -6.54 -22.15 -6.12
C ILE C 313 -6.29 -20.67 -6.37
N GLN C 314 -5.48 -20.39 -7.40
CA GLN C 314 -5.29 -19.03 -7.85
C GLN C 314 -5.83 -18.90 -9.26
N VAL C 315 -6.73 -17.94 -9.44
CA VAL C 315 -7.30 -17.63 -10.74
C VAL C 315 -6.82 -16.24 -11.18
N VAL C 316 -6.15 -16.18 -12.32
CA VAL C 316 -5.60 -14.93 -12.83
C VAL C 316 -6.56 -14.31 -13.83
N GLN C 317 -6.78 -13.00 -13.68
CA GLN C 317 -7.65 -12.22 -14.54
C GLN C 317 -7.30 -12.47 -16.01
N SER C 318 -8.33 -12.65 -16.83
CA SER C 318 -8.12 -13.01 -18.22
C SER C 318 -8.99 -12.14 -19.13
N GLU C 319 -8.50 -10.94 -19.44
CA GLU C 319 -9.24 -10.00 -20.27
C GLU C 319 -8.41 -9.50 -21.47
N TRP C 320 -9.10 -9.02 -22.51
CA TRP C 320 -8.40 -8.45 -23.66
C TRP C 320 -7.88 -7.05 -23.33
N SER C 321 -7.08 -6.51 -24.24
CA SER C 321 -6.69 -5.10 -24.18
C SER C 321 -7.95 -4.26 -24.41
N ALA C 322 -7.87 -2.96 -24.13
CA ALA C 322 -9.05 -2.08 -24.20
C ALA C 322 -9.80 -2.16 -25.52
N SER C 323 -9.08 -2.39 -26.62
CA SER C 323 -9.69 -2.43 -27.95
C SER C 323 -10.78 -3.51 -28.12
N ARG C 324 -10.68 -4.61 -27.37
CA ARG C 324 -11.61 -5.72 -27.59
C ARG C 324 -12.63 -5.87 -26.45
N ARG C 325 -13.66 -6.67 -26.71
CA ARG C 325 -14.75 -6.81 -25.75
C ARG C 325 -14.55 -7.98 -24.78
N SER C 326 -14.29 -7.62 -23.53
CA SER C 326 -13.97 -8.58 -22.48
C SER C 326 -15.15 -8.91 -21.56
N ASP C 327 -14.88 -9.76 -20.57
CA ASP C 327 -15.82 -9.96 -19.46
C ASP C 327 -15.03 -10.25 -18.19
N ASN C 328 -15.68 -10.13 -17.04
CA ASN C 328 -15.04 -10.53 -15.79
C ASN C 328 -15.74 -11.74 -15.19
N ALA C 329 -16.17 -12.68 -16.03
CA ALA C 329 -16.90 -13.83 -15.51
C ALA C 329 -16.00 -14.71 -14.62
N THR C 330 -14.73 -14.87 -14.96
CA THR C 330 -13.87 -15.74 -14.15
C THR C 330 -13.54 -15.04 -12.83
N GLU C 331 -13.52 -13.71 -12.86
CA GLU C 331 -13.36 -12.93 -11.62
C GLU C 331 -14.51 -13.19 -10.63
N GLU C 332 -15.74 -13.00 -11.09
CA GLU C 332 -16.89 -13.13 -10.22
C GLU C 332 -17.09 -14.57 -9.79
N ALA C 333 -16.80 -15.50 -10.69
CA ALA C 333 -16.85 -16.92 -10.38
C ALA C 333 -15.87 -17.26 -9.26
N CYS C 334 -14.66 -16.70 -9.34
CA CYS C 334 -13.65 -16.93 -8.31
C CYS C 334 -14.05 -16.29 -6.97
N LEU C 335 -14.64 -15.09 -7.02
CA LEU C 335 -15.06 -14.40 -5.80
C LEU C 335 -16.21 -15.11 -5.09
N GLN C 336 -17.04 -15.80 -5.84
CA GLN C 336 -18.20 -16.43 -5.25
C GLN C 336 -17.92 -17.88 -4.89
N THR C 337 -16.65 -18.29 -5.00
CA THR C 337 -16.27 -19.67 -4.75
C THR C 337 -15.29 -19.81 -3.59
N GLU C 338 -15.66 -20.65 -2.62
CA GLU C 338 -14.78 -21.01 -1.52
C GLU C 338 -13.38 -21.41 -1.99
N GLY C 339 -12.35 -20.89 -1.33
CA GLY C 339 -10.99 -21.35 -1.57
C GLY C 339 -10.41 -20.89 -2.87
N CYS C 340 -10.96 -19.82 -3.42
CA CYS C 340 -10.46 -19.25 -4.65
C CYS C 340 -9.80 -17.90 -4.38
N ILE C 341 -8.58 -17.74 -4.88
CA ILE C 341 -7.84 -16.49 -4.75
C ILE C 341 -7.72 -15.84 -6.13
N PHE C 342 -8.10 -14.56 -6.23
CA PHE C 342 -8.08 -13.87 -7.53
C PHE C 342 -6.89 -12.90 -7.68
N ILE C 343 -6.22 -12.97 -8.81
CA ILE C 343 -5.13 -12.05 -9.11
C ILE C 343 -5.55 -11.09 -10.21
N LYS C 344 -5.55 -9.80 -9.87
CA LYS C 344 -6.12 -8.78 -10.74
C LYS C 344 -5.11 -7.68 -11.06
N LYS C 345 -5.14 -7.17 -12.29
CA LYS C 345 -4.29 -6.05 -12.69
C LYS C 345 -4.92 -4.71 -12.30
N THR C 346 -4.09 -3.70 -12.03
CA THR C 346 -4.58 -2.37 -11.67
C THR C 346 -4.63 -1.46 -12.90
N THR C 347 -4.00 -1.90 -13.99
CA THR C 347 -3.97 -1.12 -15.23
C THR C 347 -4.46 -1.98 -16.42
N PRO C 348 -4.87 -1.33 -17.52
CA PRO C 348 -5.31 -2.09 -18.71
C PRO C 348 -4.24 -3.04 -19.25
N TYR C 349 -4.67 -4.13 -19.89
CA TYR C 349 -3.74 -5.07 -20.52
C TYR C 349 -3.14 -4.47 -21.78
N VAL C 350 -1.83 -4.23 -21.78
CA VAL C 350 -1.16 -3.75 -22.98
C VAL C 350 -0.07 -4.72 -23.40
N GLY C 351 -0.35 -5.49 -24.46
CA GLY C 351 0.53 -6.56 -24.89
C GLY C 351 1.70 -6.08 -25.73
N GLU C 352 2.88 -6.63 -25.43
CA GLU C 352 4.09 -6.32 -26.20
C GLU C 352 4.02 -6.98 -27.58
N ALA C 353 3.41 -8.17 -27.63
CA ALA C 353 3.35 -8.94 -28.87
C ALA C 353 2.44 -8.26 -29.88
N ALA C 354 1.26 -8.82 -30.12
CA ALA C 354 0.29 -8.09 -30.95
C ALA C 354 -0.19 -6.91 -30.12
N ASP C 355 -1.43 -6.97 -29.64
CA ASP C 355 -1.89 -5.97 -28.69
C ASP C 355 -2.32 -6.64 -27.40
N ASN C 356 -2.31 -7.98 -27.42
CA ASN C 356 -3.03 -8.72 -26.40
C ASN C 356 -2.24 -9.82 -25.70
N ALA C 357 -0.92 -9.78 -25.81
CA ALA C 357 -0.07 -10.77 -25.14
C ALA C 357 1.30 -10.20 -24.80
N GLY C 358 1.65 -10.24 -23.51
CA GLY C 358 2.96 -9.77 -23.06
C GLY C 358 2.86 -8.44 -22.33
N ASP C 359 2.19 -8.45 -21.18
CA ASP C 359 1.86 -7.24 -20.44
C ASP C 359 2.81 -7.00 -19.27
N ILE C 360 3.33 -5.78 -19.17
CA ILE C 360 4.38 -5.48 -18.21
C ILE C 360 3.94 -5.69 -16.78
N GLU C 361 2.74 -5.21 -16.44
CA GLU C 361 2.24 -5.37 -15.08
C GLU C 361 2.00 -6.86 -14.74
N MET C 362 1.44 -7.61 -15.69
CA MET C 362 1.15 -9.02 -15.44
C MET C 362 2.43 -9.83 -15.24
N ARG C 363 3.46 -9.52 -16.03
CA ARG C 363 4.76 -10.18 -15.86
C ARG C 363 5.28 -9.96 -14.43
N GLN C 364 5.01 -8.78 -13.86
CA GLN C 364 5.39 -8.52 -12.47
C GLN C 364 4.49 -9.27 -11.49
N LEU C 365 3.19 -9.27 -11.74
CA LEU C 365 2.24 -9.96 -10.85
C LEU C 365 2.43 -11.50 -10.84
N LEU C 366 2.90 -12.05 -11.95
CA LEU C 366 3.11 -13.50 -12.07
C LEU C 366 4.57 -13.90 -11.80
N SER C 367 5.46 -12.92 -11.66
CA SER C 367 6.88 -13.21 -11.46
C SER C 367 7.15 -14.08 -10.23
N GLY C 368 6.23 -14.05 -9.27
CA GLY C 368 6.38 -14.85 -8.06
C GLY C 368 6.26 -16.35 -8.25
N LEU C 369 5.92 -16.77 -9.47
CA LEU C 369 5.58 -18.17 -9.74
C LEU C 369 6.64 -19.25 -10.10
N GLY C 370 7.93 -19.00 -10.25
CA GLY C 370 8.65 -17.81 -9.88
C GLY C 370 9.70 -18.23 -8.86
N ASN C 371 9.40 -17.96 -7.59
CA ASN C 371 10.40 -17.99 -6.56
C ASN C 371 10.54 -19.35 -5.88
N ASN C 372 11.64 -19.52 -5.15
CA ASN C 372 11.87 -20.75 -4.42
C ASN C 372 11.63 -20.57 -2.92
N ASP C 373 11.24 -19.36 -2.52
CA ASP C 373 11.19 -19.04 -1.09
C ASP C 373 9.89 -18.40 -0.61
N THR C 374 8.78 -18.73 -1.26
CA THR C 374 7.47 -18.31 -0.80
C THR C 374 6.91 -19.34 0.20
N VAL C 375 6.47 -18.89 1.37
CA VAL C 375 5.98 -19.82 2.39
C VAL C 375 4.47 -19.73 2.59
N CYS C 376 3.87 -18.63 2.15
CA CYS C 376 2.44 -18.38 2.31
C CYS C 376 1.87 -17.67 1.08
N VAL C 377 0.72 -18.14 0.62
CA VAL C 377 0.02 -17.49 -0.47
C VAL C 377 -1.38 -17.07 0.01
N SER C 378 -1.69 -15.77 -0.08
CA SER C 378 -2.97 -15.27 0.39
C SER C 378 -3.67 -14.42 -0.66
N GLN C 379 -4.90 -14.00 -0.35
CA GLN C 379 -5.63 -13.09 -1.23
C GLN C 379 -5.01 -11.70 -1.14
N SER C 380 -4.25 -11.46 -0.08
CA SER C 380 -3.51 -10.21 0.09
C SER C 380 -2.18 -10.24 -0.67
N GLY C 381 -1.77 -11.44 -1.07
CA GLY C 381 -0.48 -11.63 -1.69
C GLY C 381 0.33 -12.70 -1.00
N TYR C 382 1.64 -12.70 -1.22
CA TYR C 382 2.47 -13.79 -0.74
C TYR C 382 3.71 -13.33 0.01
N THR C 383 4.19 -14.17 0.91
CA THR C 383 5.27 -13.80 1.80
C THR C 383 6.38 -14.81 1.77
N LYS C 384 7.58 -14.36 2.14
CA LYS C 384 8.66 -15.26 2.48
C LYS C 384 8.59 -15.56 3.98
N GLY C 385 9.44 -16.46 4.46
CA GLY C 385 9.43 -16.83 5.87
C GLY C 385 10.37 -16.07 6.78
N GLU C 386 10.39 -14.73 6.67
CA GLU C 386 11.33 -13.91 7.44
C GLU C 386 10.93 -13.72 8.91
N THR C 387 9.67 -13.35 9.15
CA THR C 387 9.15 -13.19 10.49
C THR C 387 7.76 -13.81 10.60
N PRO C 388 7.25 -14.00 11.82
CA PRO C 388 5.89 -14.55 11.91
C PRO C 388 4.81 -13.47 11.89
N PHE C 389 5.15 -12.21 11.65
CA PHE C 389 4.13 -11.17 11.70
C PHE C 389 4.02 -10.30 10.44
N VAL C 390 2.82 -9.75 10.24
CA VAL C 390 2.57 -8.77 9.19
C VAL C 390 1.88 -7.54 9.74
N LYS C 391 2.08 -6.41 9.06
CA LYS C 391 1.48 -5.14 9.45
C LYS C 391 -0.04 -5.23 9.40
N ASP C 392 -0.57 -5.62 8.26
CA ASP C 392 -2.01 -5.82 8.10
C ASP C 392 -2.33 -7.30 7.98
N TYR C 393 -3.61 -7.64 8.11
CA TYR C 393 -4.04 -9.03 7.96
C TYR C 393 -3.72 -9.56 6.57
N LEU C 394 -3.49 -10.87 6.50
CA LEU C 394 -3.46 -11.58 5.23
C LEU C 394 -4.88 -12.09 5.02
N SER C 395 -5.58 -11.52 4.05
CA SER C 395 -6.95 -11.90 3.81
C SER C 395 -7.00 -13.31 3.26
N PRO C 396 -8.01 -14.08 3.68
CA PRO C 396 -8.29 -15.39 3.10
C PRO C 396 -8.92 -15.23 1.70
N PRO C 397 -8.96 -16.31 0.91
CA PRO C 397 -8.37 -17.64 1.16
C PRO C 397 -6.85 -17.56 1.23
N LYS C 398 -6.24 -18.48 1.95
CA LYS C 398 -4.79 -18.50 2.10
C LYS C 398 -4.32 -19.85 2.62
N TYR C 399 -3.03 -20.12 2.44
CA TYR C 399 -2.47 -21.40 2.83
C TYR C 399 -0.96 -21.26 2.95
N GLY C 400 -0.35 -22.16 3.73
CA GLY C 400 1.08 -22.12 3.96
C GLY C 400 1.40 -21.63 5.35
N ARG C 401 2.66 -21.21 5.55
CA ARG C 401 3.08 -20.71 6.84
C ARG C 401 2.78 -19.23 6.90
N CYS C 402 1.56 -18.91 7.28
CA CYS C 402 1.09 -17.54 7.11
C CYS C 402 1.26 -16.69 8.37
N GLN C 403 1.78 -15.49 8.17
CA GLN C 403 2.04 -14.54 9.25
C GLN C 403 0.76 -14.01 9.88
N LEU C 404 0.92 -13.46 11.08
CA LEU C 404 -0.18 -12.96 11.89
C LEU C 404 -0.05 -11.46 12.13
N LYS C 405 -1.15 -10.74 12.06
CA LYS C 405 -1.11 -9.33 12.43
C LYS C 405 -1.06 -9.15 13.94
N THR C 406 -0.09 -8.38 14.38
CA THR C 406 -0.07 -7.87 15.74
C THR C 406 0.17 -6.39 15.62
N ASP C 407 -0.26 -5.61 16.61
CA ASP C 407 0.03 -4.18 16.55
C ASP C 407 1.52 -3.95 16.77
N SER C 408 2.05 -2.99 16.04
CA SER C 408 3.42 -2.52 16.18
C SER C 408 3.89 -2.40 17.64
N GLY C 409 3.00 -1.95 18.52
CA GLY C 409 3.36 -1.68 19.89
C GLY C 409 3.58 -2.89 20.79
N ARG C 410 3.01 -4.03 20.42
CA ARG C 410 3.09 -5.23 21.24
C ARG C 410 4.36 -6.04 20.96
N ILE C 411 5.26 -5.46 20.16
CA ILE C 411 6.47 -6.16 19.75
C ILE C 411 7.62 -5.96 20.74
N PRO C 412 7.98 -7.02 21.47
CA PRO C 412 9.00 -6.92 22.52
C PRO C 412 10.39 -6.69 21.95
N THR C 413 11.24 -6.07 22.75
CA THR C 413 12.58 -5.72 22.29
C THR C 413 13.65 -6.34 23.17
N LEU C 414 14.91 -6.02 22.87
CA LEU C 414 16.03 -6.50 23.67
C LEU C 414 16.99 -5.37 23.97
N PRO C 415 17.62 -5.42 25.16
CA PRO C 415 18.63 -4.43 25.52
C PRO C 415 19.86 -4.51 24.63
N SER C 416 20.47 -3.36 24.34
CA SER C 416 21.71 -3.31 23.56
C SER C 416 22.48 -2.05 23.90
N GLY C 417 23.62 -1.86 23.24
CA GLY C 417 24.52 -0.79 23.62
C GLY C 417 25.18 -1.11 24.95
N LEU C 418 25.49 -0.08 25.72
CA LEU C 418 26.09 -0.27 27.04
C LEU C 418 25.09 -0.93 27.97
N ILE C 419 25.52 -2.00 28.63
CA ILE C 419 24.61 -2.86 29.37
C ILE C 419 25.19 -3.24 30.74
N ILE C 420 24.32 -3.31 31.74
CA ILE C 420 24.73 -3.51 33.12
C ILE C 420 23.83 -4.58 33.80
N PRO C 421 24.45 -5.63 34.38
CA PRO C 421 23.60 -6.66 34.97
C PRO C 421 23.09 -6.26 36.34
N GLN C 422 21.84 -6.59 36.61
CA GLN C 422 21.22 -6.28 37.88
C GLN C 422 20.58 -7.53 38.45
N ALA C 423 21.00 -7.90 39.65
CA ALA C 423 20.44 -9.04 40.35
C ALA C 423 20.32 -8.72 41.84
N GLY C 424 19.29 -9.28 42.46
CA GLY C 424 19.04 -9.05 43.88
C GLY C 424 18.20 -7.80 44.04
N THR C 425 18.04 -7.36 45.27
CA THR C 425 17.27 -6.17 45.57
C THR C 425 18.15 -4.92 45.60
N ASP C 426 19.45 -5.11 45.80
CA ASP C 426 20.42 -4.01 45.91
C ASP C 426 20.08 -3.02 47.03
N SER C 427 19.39 -3.50 48.06
CA SER C 427 18.92 -2.63 49.16
C SER C 427 19.91 -2.57 50.33
N PHE D 9 29.26 0.13 44.28
CA PHE D 9 29.89 -0.37 45.50
C PHE D 9 30.61 -1.70 45.25
N GLY D 10 30.52 -2.23 44.03
CA GLY D 10 31.21 -3.46 43.69
C GLY D 10 30.39 -4.64 43.17
N LEU D 11 30.08 -4.63 41.87
CA LEU D 11 29.63 -5.80 41.11
C LEU D 11 28.36 -6.56 41.59
N LEU D 12 28.05 -6.49 42.88
CA LEU D 12 26.78 -7.03 43.36
C LEU D 12 25.74 -5.92 43.43
N PHE D 13 26.18 -4.70 43.13
CA PHE D 13 25.36 -3.51 43.30
C PHE D 13 25.34 -2.63 42.05
N VAL D 14 24.21 -1.98 41.82
CA VAL D 14 24.13 -0.97 40.76
C VAL D 14 23.53 0.31 41.32
N GLY D 15 24.26 1.41 41.18
CA GLY D 15 23.81 2.69 41.70
C GLY D 15 23.22 3.62 40.66
N PHE D 16 22.49 4.62 41.13
CA PHE D 16 21.85 5.61 40.26
C PHE D 16 22.55 6.96 40.41
N VAL D 17 22.55 7.76 39.34
CA VAL D 17 23.12 9.11 39.42
C VAL D 17 22.27 10.11 38.64
N ALA D 18 22.26 11.35 39.11
CA ALA D 18 21.36 12.38 38.58
C ALA D 18 21.88 13.02 37.31
N GLY D 19 21.03 13.88 36.73
CA GLY D 19 21.37 14.78 35.64
C GLY D 19 22.45 14.38 34.64
N GLY D 20 23.61 15.04 34.74
CA GLY D 20 24.73 14.73 33.88
C GLY D 20 25.30 13.37 34.22
N VAL D 21 26.53 13.35 34.76
CA VAL D 21 27.15 12.15 35.32
C VAL D 21 26.97 10.87 34.50
N ALA D 22 27.94 10.55 33.65
CA ALA D 22 27.84 9.40 32.75
C ALA D 22 27.60 8.09 33.51
N GLY D 23 26.96 7.13 32.83
CA GLY D 23 26.72 5.82 33.40
C GLY D 23 27.67 4.77 32.83
N GLY D 24 27.87 3.69 33.59
CA GLY D 24 28.71 2.59 33.13
C GLY D 24 29.59 1.99 34.22
N TYR D 25 30.82 1.64 33.84
CA TYR D 25 31.82 1.01 34.73
C TYR D 25 32.94 1.97 35.10
N PHE D 26 33.19 2.12 36.39
CA PHE D 26 34.18 3.07 36.87
C PHE D 26 35.04 2.47 37.98
N TRP D 27 36.02 3.22 38.45
CA TRP D 27 36.86 2.83 39.58
C TRP D 27 36.53 3.64 40.83
N GLY D 28 36.44 2.96 41.96
CA GLY D 28 36.12 3.61 43.23
C GLY D 28 37.13 3.25 44.30
N ARG D 29 37.53 4.26 45.09
CA ARG D 29 38.55 4.08 46.13
C ARG D 29 38.02 4.67 47.45
N SER D 30 38.75 4.47 48.55
CA SER D 30 38.15 4.59 49.87
C SER D 30 38.84 5.41 50.95
N ASN D 31 39.52 4.68 51.83
CA ASN D 31 39.88 5.11 53.17
C ASN D 31 41.26 5.80 53.20
N GLY D 32 41.91 5.86 54.37
CA GLY D 32 43.26 6.41 54.45
C GLY D 32 43.65 7.13 55.75
N GLY D 33 42.92 8.20 56.08
CA GLY D 33 43.33 9.08 57.17
C GLY D 33 42.51 8.96 58.44
N GLY D 34 41.39 8.24 58.36
CA GLY D 34 40.53 8.00 59.49
C GLY D 34 39.93 9.27 60.08
N GLY D 35 38.76 9.66 59.57
CA GLY D 35 38.08 8.94 58.52
C GLY D 35 37.81 9.80 57.28
N GLY D 36 38.28 9.33 56.13
CA GLY D 36 38.18 10.06 54.87
C GLY D 36 36.78 10.17 54.26
N ALA D 37 36.73 10.17 52.93
CA ALA D 37 35.46 10.38 52.22
C ALA D 37 35.28 9.58 50.93
N SER D 38 36.38 9.05 50.39
CA SER D 38 36.35 8.18 49.20
C SER D 38 36.45 8.91 47.84
N VAL D 39 36.01 8.24 46.79
CA VAL D 39 36.19 8.73 45.40
C VAL D 39 35.67 7.76 44.32
N SER D 40 35.14 8.32 43.23
CA SER D 40 34.80 7.55 42.03
C SER D 40 35.27 8.25 40.76
N SER D 41 36.03 7.54 39.92
CA SER D 41 36.78 8.16 38.83
C SER D 41 35.96 8.52 37.58
N THR D 42 36.60 8.62 36.43
CA THR D 42 35.86 8.84 35.19
C THR D 42 35.96 7.69 34.17
N GLN D 43 35.78 6.45 34.63
CA GLN D 43 35.65 5.24 33.81
C GLN D 43 36.99 4.49 33.78
N ALA D 44 37.06 3.36 33.08
CA ALA D 44 38.25 2.50 33.10
C ALA D 44 38.82 2.16 31.72
N GLY D 45 39.88 1.36 31.64
CA GLY D 45 40.32 0.78 30.38
C GLY D 45 39.64 -0.55 30.07
N PHE D 46 38.37 -0.66 30.48
CA PHE D 46 37.64 -1.92 30.39
C PHE D 46 37.10 -2.19 29.00
N ASP D 47 37.99 -2.52 28.07
CA ASP D 47 37.56 -2.86 26.72
C ASP D 47 37.12 -4.32 26.67
N LYS D 48 37.63 -5.12 27.60
CA LYS D 48 37.22 -6.52 27.74
C LYS D 48 35.70 -6.58 27.92
N ILE D 49 35.16 -5.61 28.64
CA ILE D 49 33.73 -5.52 28.85
C ILE D 49 33.00 -5.22 27.54
N GLY D 50 33.49 -4.21 26.81
CA GLY D 50 32.90 -3.83 25.54
C GLY D 50 32.90 -4.99 24.56
N LYS D 51 34.03 -5.68 24.48
CA LYS D 51 34.20 -6.79 23.56
C LYS D 51 33.33 -7.96 24.02
N ASP D 52 33.19 -8.09 25.33
CA ASP D 52 32.33 -9.13 25.88
C ASP D 52 30.87 -8.84 25.55
N ILE D 53 30.45 -7.58 25.74
CA ILE D 53 29.08 -7.19 25.44
C ILE D 53 28.76 -7.44 23.97
N GLN D 54 29.69 -7.05 23.10
CA GLN D 54 29.51 -7.25 21.67
C GLN D 54 29.29 -8.72 21.33
N GLN D 55 30.14 -9.58 21.87
CA GLN D 55 30.04 -11.00 21.63
C GLN D 55 28.73 -11.54 22.19
N LEU D 56 28.36 -11.08 23.37
CA LEU D 56 27.13 -11.50 24.00
C LEU D 56 25.91 -11.07 23.21
N ARG D 57 25.94 -9.83 22.71
CA ARG D 57 24.82 -9.29 21.94
C ARG D 57 24.64 -10.10 20.67
N ASN D 58 25.74 -10.46 20.04
CA ASN D 58 25.66 -11.17 18.77
C ASN D 58 25.19 -12.63 18.96
N ASP D 59 25.42 -13.18 20.15
CA ASP D 59 25.01 -14.55 20.45
C ASP D 59 23.49 -14.70 20.57
N THR D 60 22.80 -13.57 20.66
CA THR D 60 21.36 -13.60 20.85
C THR D 60 20.65 -13.92 19.53
N ASN D 61 21.34 -13.66 18.42
CA ASN D 61 20.78 -13.89 17.09
C ASN D 61 20.32 -15.34 16.91
N ALA D 62 21.00 -16.27 17.57
CA ALA D 62 20.55 -17.66 17.56
C ALA D 62 19.09 -17.77 18.00
N ALA D 63 18.79 -17.30 19.20
CA ALA D 63 17.44 -17.38 19.74
C ALA D 63 16.44 -16.57 18.92
N ILE D 64 16.88 -15.39 18.46
CA ILE D 64 16.02 -14.52 17.65
C ILE D 64 15.62 -15.20 16.34
N GLU D 65 16.62 -15.62 15.56
CA GLU D 65 16.39 -16.30 14.28
C GLU D 65 15.55 -17.56 14.48
N GLY D 66 15.76 -18.25 15.59
CA GLY D 66 14.99 -19.44 15.91
C GLY D 66 13.50 -19.15 15.96
N PHE D 67 13.11 -18.10 16.68
CA PHE D 67 11.71 -17.72 16.80
C PHE D 67 11.13 -17.23 15.48
N ASN D 68 11.89 -16.36 14.79
CA ASN D 68 11.44 -15.73 13.56
C ASN D 68 11.18 -16.72 12.41
N GLY D 69 11.86 -17.86 12.45
CA GLY D 69 11.74 -18.85 11.41
C GLY D 69 10.73 -19.95 11.72
N ARG D 70 9.90 -19.73 12.73
CA ARG D 70 8.87 -20.72 13.06
C ARG D 70 7.50 -20.11 12.86
N ILE D 71 6.91 -20.40 11.70
CA ILE D 71 5.61 -19.86 11.31
C ILE D 71 4.65 -21.02 11.05
N ALA D 72 3.53 -21.04 11.77
CA ALA D 72 2.61 -22.18 11.73
C ALA D 72 1.86 -22.32 10.39
N HIS D 73 1.85 -23.53 9.85
CA HIS D 73 1.08 -23.81 8.63
C HIS D 73 -0.40 -23.62 8.90
N ASP D 74 -1.15 -23.25 7.85
CA ASP D 74 -2.57 -22.97 7.99
C ASP D 74 -3.22 -23.11 6.62
N GLU D 75 -4.54 -23.19 6.59
CA GLU D 75 -5.26 -23.25 5.32
C GLU D 75 -6.70 -22.78 5.51
N GLN D 76 -7.04 -21.67 4.86
CA GLN D 76 -8.39 -21.10 4.96
C GLN D 76 -9.00 -20.93 3.58
N ALA D 77 -10.19 -21.49 3.37
CA ALA D 77 -10.87 -21.38 2.09
C ALA D 77 -11.92 -20.27 2.16
N ILE D 78 -12.24 -19.93 3.40
CA ILE D 78 -13.25 -18.94 3.73
C ILE D 78 -12.89 -17.58 3.12
N LYS D 79 -13.89 -16.76 2.79
CA LYS D 79 -13.60 -15.55 2.02
C LYS D 79 -13.48 -14.32 2.90
N ASN D 80 -14.01 -14.38 4.11
CA ASN D 80 -13.97 -13.23 5.00
C ASN D 80 -13.07 -13.47 6.21
N LEU D 81 -12.20 -12.49 6.49
CA LEU D 81 -11.20 -12.61 7.55
C LEU D 81 -11.79 -13.09 8.89
N ALA D 82 -11.20 -14.13 9.46
CA ALA D 82 -11.56 -14.59 10.80
C ALA D 82 -10.74 -13.85 11.85
N LYS D 83 -11.11 -12.59 12.09
CA LYS D 83 -10.30 -11.65 12.85
C LYS D 83 -9.98 -12.10 14.27
N GLU D 84 -10.99 -12.59 14.98
CA GLU D 84 -10.84 -12.99 16.39
C GLU D 84 -9.91 -14.19 16.58
N ILE D 85 -10.02 -15.17 15.69
CA ILE D 85 -9.09 -16.29 15.69
C ILE D 85 -7.70 -15.79 15.35
N GLU D 86 -7.66 -14.88 14.37
CA GLU D 86 -6.42 -14.26 13.92
C GLU D 86 -5.73 -13.47 15.04
N ASP D 87 -6.50 -12.68 15.78
CA ASP D 87 -5.94 -11.90 16.88
C ASP D 87 -5.56 -12.77 18.07
N ALA D 88 -6.26 -13.90 18.24
CA ALA D 88 -5.96 -14.79 19.34
C ALA D 88 -4.63 -15.51 19.12
N ARG D 89 -4.38 -15.92 17.88
CA ARG D 89 -3.15 -16.63 17.54
C ARG D 89 -1.93 -15.72 17.69
N ALA D 90 -2.08 -14.47 17.28
CA ALA D 90 -1.00 -13.49 17.39
C ALA D 90 -0.68 -13.19 18.85
N GLU D 91 -1.72 -12.99 19.65
CA GLU D 91 -1.58 -12.70 21.08
C GLU D 91 -0.82 -13.81 21.78
N ALA D 92 -1.17 -15.06 21.46
CA ALA D 92 -0.49 -16.21 22.01
C ALA D 92 0.97 -16.31 21.55
N LEU D 93 1.25 -15.94 20.31
CA LEU D 93 2.62 -15.98 19.81
C LEU D 93 3.44 -14.85 20.42
N VAL D 94 2.81 -13.69 20.58
CA VAL D 94 3.45 -12.58 21.28
C VAL D 94 3.79 -12.99 22.72
N GLY D 95 2.95 -13.81 23.32
CA GLY D 95 3.17 -14.31 24.67
C GLY D 95 4.34 -15.27 24.76
N GLU D 96 4.45 -16.16 23.77
CA GLU D 96 5.60 -17.05 23.68
C GLU D 96 6.89 -16.24 23.53
N LEU D 97 6.82 -15.20 22.71
CA LEU D 97 8.00 -14.38 22.43
C LEU D 97 8.47 -13.64 23.67
N GLY D 98 7.53 -13.24 24.52
CA GLY D 98 7.84 -12.59 25.78
C GLY D 98 8.56 -13.48 26.77
N ILE D 99 8.12 -14.74 26.86
CA ILE D 99 8.77 -15.72 27.72
C ILE D 99 10.20 -15.95 27.23
N ILE D 100 10.35 -16.12 25.92
CA ILE D 100 11.65 -16.23 25.29
C ILE D 100 12.49 -14.98 25.51
N ARG D 101 11.85 -13.83 25.44
CA ARG D 101 12.51 -12.56 25.74
C ARG D 101 13.04 -12.54 27.17
N SER D 102 12.20 -12.94 28.11
CA SER D 102 12.59 -12.98 29.52
C SER D 102 13.79 -13.91 29.73
N LEU D 103 13.79 -15.03 29.02
CA LEU D 103 14.89 -15.97 29.10
C LEU D 103 16.18 -15.36 28.57
N ILE D 104 16.06 -14.67 27.44
CA ILE D 104 17.25 -14.12 26.79
C ILE D 104 17.87 -13.02 27.64
N VAL D 105 17.04 -12.15 28.22
CA VAL D 105 17.55 -11.07 29.06
C VAL D 105 18.35 -11.66 30.23
N ALA D 106 17.72 -12.57 30.96
CA ALA D 106 18.38 -13.34 32.02
C ALA D 106 19.70 -13.93 31.56
N ASN D 107 19.72 -14.47 30.35
CA ASN D 107 20.90 -15.12 29.83
C ASN D 107 22.01 -14.10 29.55
N ILE D 108 21.65 -12.93 29.03
CA ILE D 108 22.59 -11.82 28.90
C ILE D 108 23.15 -11.43 30.26
N SER D 109 22.24 -11.25 31.21
CA SER D 109 22.57 -10.79 32.55
C SER D 109 23.59 -11.69 33.23
N MET D 110 23.25 -12.96 33.31
CA MET D 110 24.08 -13.93 33.99
C MET D 110 25.45 -14.06 33.32
N ASN D 111 25.49 -14.01 31.98
CA ASN D 111 26.75 -14.17 31.28
C ASN D 111 27.58 -12.90 31.28
N LEU D 112 26.93 -11.75 31.35
CA LEU D 112 27.65 -10.50 31.52
C LEU D 112 28.23 -10.43 32.92
N LYS D 113 27.42 -10.79 33.91
CA LYS D 113 27.87 -10.84 35.29
C LYS D 113 29.09 -11.76 35.42
N GLU D 114 29.00 -12.93 34.78
CA GLU D 114 30.07 -13.91 34.89
C GLU D 114 31.33 -13.43 34.18
N SER D 115 31.16 -12.68 33.10
CA SER D 115 32.27 -12.04 32.40
C SER D 115 32.89 -10.95 33.25
N LEU D 116 32.06 -10.28 34.04
CA LEU D 116 32.56 -9.30 35.00
C LEU D 116 33.37 -10.00 36.07
N TYR D 117 32.83 -11.11 36.61
CA TYR D 117 33.57 -11.92 37.56
C TYR D 117 34.91 -12.36 36.97
N GLU D 118 34.94 -12.59 35.65
CA GLU D 118 36.15 -13.02 34.97
C GLU D 118 37.19 -11.91 34.89
N LEU D 119 36.73 -10.68 34.64
CA LEU D 119 37.61 -9.52 34.62
C LEU D 119 38.24 -9.32 35.99
N ALA D 120 37.41 -9.27 37.03
CA ALA D 120 37.86 -9.01 38.38
C ALA D 120 38.80 -10.10 38.91
N ASN D 121 38.69 -11.30 38.34
CA ASN D 121 39.53 -12.42 38.74
C ASN D 121 40.93 -12.32 38.11
N GLN D 122 41.00 -11.69 36.95
CA GLN D 122 42.29 -11.43 36.32
C GLN D 122 43.06 -10.39 37.13
N ILE D 123 42.32 -9.58 37.89
CA ILE D 123 42.91 -8.53 38.70
C ILE D 123 43.40 -9.08 40.05
N THR D 124 42.68 -10.06 40.59
CA THR D 124 43.08 -10.67 41.85
C THR D 124 44.37 -11.46 41.69
N LYS D 125 44.56 -12.03 40.50
CA LYS D 125 45.70 -12.88 40.21
C LYS D 125 46.92 -12.05 39.83
N ARG D 126 46.69 -10.85 39.32
CA ARG D 126 47.79 -9.97 38.92
C ARG D 126 48.51 -9.41 40.14
N GLY D 127 47.74 -8.96 41.11
CA GLY D 127 48.29 -8.50 42.36
C GLY D 127 48.26 -9.62 43.37
N GLY D 128 48.77 -10.78 42.96
CA GLY D 128 48.62 -11.98 43.75
C GLY D 128 49.75 -12.27 44.72
N GLY D 129 49.43 -12.31 46.02
CA GLY D 129 48.06 -12.14 46.48
C GLY D 129 47.89 -10.90 47.32
N ILE D 130 48.49 -9.81 46.88
CA ILE D 130 48.32 -8.50 47.52
C ILE D 130 46.85 -8.09 47.51
N ALA D 131 46.17 -8.50 46.44
CA ALA D 131 44.77 -8.16 46.16
C ALA D 131 43.83 -8.20 47.36
N GLN D 132 43.57 -9.40 47.88
CA GLN D 132 42.59 -9.61 48.95
C GLN D 132 41.18 -9.25 48.48
N GLU D 133 40.41 -10.27 48.11
CA GLU D 133 39.07 -10.06 47.58
C GLU D 133 38.07 -9.73 48.68
N ALA D 134 37.42 -8.57 48.55
CA ALA D 134 36.31 -8.21 49.43
C ALA D 134 34.99 -8.39 48.70
N GLY D 135 34.76 -9.60 48.20
CA GLY D 135 33.61 -9.86 47.34
C GLY D 135 33.95 -9.48 45.91
N PRO D 136 33.09 -9.85 44.95
CA PRO D 136 33.35 -9.63 43.52
C PRO D 136 33.56 -8.16 43.15
N GLY D 137 34.66 -7.88 42.45
CA GLY D 137 34.97 -6.53 42.03
C GLY D 137 35.28 -5.56 43.17
N CYS D 138 35.77 -6.08 44.28
CA CYS D 138 36.23 -5.26 45.41
C CYS D 138 37.48 -5.85 46.02
N TRP D 139 38.41 -4.98 46.41
CA TRP D 139 39.66 -5.44 46.98
C TRP D 139 40.12 -4.60 48.15
N TYR D 140 40.81 -5.25 49.09
CA TYR D 140 41.55 -4.54 50.12
C TYR D 140 43.02 -4.63 49.79
N VAL D 141 43.60 -3.56 49.28
CA VAL D 141 45.04 -3.57 49.15
C VAL D 141 45.65 -2.70 50.25
N ASP D 142 46.75 -3.17 50.83
CA ASP D 142 47.34 -2.52 51.99
C ASP D 142 48.24 -1.42 51.45
N SER D 143 47.80 -0.20 51.66
CA SER D 143 48.64 1.00 51.56
C SER D 143 50.08 0.90 52.10
N GLU D 144 50.87 -0.10 51.66
CA GLU D 144 52.04 -0.51 52.41
C GLU D 144 53.34 -0.78 51.62
N ASN D 145 53.75 -2.05 51.59
CA ASN D 145 54.69 -2.68 50.61
C ASN D 145 54.11 -2.76 49.15
N CYS D 146 52.89 -2.23 48.99
CA CYS D 146 52.38 -1.82 47.66
C CYS D 146 51.59 -0.51 47.72
N ASP D 147 51.83 0.37 46.71
CA ASP D 147 51.14 1.68 46.58
C ASP D 147 50.89 2.37 45.19
N ALA D 148 51.88 3.18 44.79
CA ALA D 148 51.74 4.14 43.72
C ALA D 148 51.60 3.47 42.37
N SER D 149 52.70 2.96 41.84
CA SER D 149 52.63 2.35 40.51
C SER D 149 52.15 0.90 40.55
N CYS D 150 52.23 0.22 41.70
CA CYS D 150 51.81 -1.19 41.71
C CYS D 150 50.29 -1.24 41.81
N LYS D 151 49.64 -0.13 42.21
CA LYS D 151 48.18 -0.04 42.14
C LYS D 151 47.86 0.02 40.67
N GLU D 152 48.67 0.81 39.99
CA GLU D 152 48.54 1.04 38.56
C GLU D 152 48.97 -0.18 37.76
N TYR D 153 49.59 -1.13 38.45
CA TYR D 153 49.94 -2.40 37.84
C TYR D 153 48.85 -3.44 38.02
N ILE D 154 48.36 -3.59 39.25
CA ILE D 154 47.29 -4.53 39.56
C ILE D 154 45.98 -4.09 38.94
N PHE D 155 45.44 -3.00 39.47
CA PHE D 155 44.35 -2.27 38.84
C PHE D 155 44.98 -1.41 37.75
N ASN D 156 44.17 -0.73 36.94
CA ASN D 156 44.76 0.15 35.91
C ASN D 156 44.18 1.56 35.95
N PHE D 157 43.97 2.03 37.18
CA PHE D 157 43.76 3.43 37.50
C PHE D 157 43.63 3.63 39.01
#